data_8QER
#
_entry.id   8QER
#
_cell.length_a   100.322
_cell.length_b   103.969
_cell.length_c   140.729
_cell.angle_alpha   90.000
_cell.angle_beta   90.000
_cell.angle_gamma   90.000
#
_symmetry.space_group_name_H-M   'C 2 2 21'
#
loop_
_entity.id
_entity.type
_entity.pdbx_description
1 polymer '3-oxoacyl-[acyl-carrier-protein] synthase 2'
2 non-polymer '(4~{R})-4-(1~{H}-pyrazol-3-ylcarbonylamino)pentanoic acid'
3 non-polymer 'FORMIC ACID'
4 non-polymer 'DIMETHYL SULFOXIDE'
5 non-polymer 1,2-ETHANEDIOL
6 non-polymer 'CHLORIDE ION'
7 water water
#
_entity_poly.entity_id   1
_entity_poly.type   'polypeptide(L)'
_entity_poly.pdbx_seq_one_letter_code
;GHMASMSRRRVVITGMGMLSPLGLDVPSSWEGILAGRSGIAPIEHMDLSAYSTRFGGSVKGFNVEEYLSAKEARKLDLFI
QYGLAASFQAVRDSGLEVTDANRERIGVSMGSGIGGLTNIENNCRSLFEQGPRRISPFFVPGSIINMVSGFLSIHLGLQG
PNYALTTAATTGTHSIGMAARNIAYGEADVMVAGGSEMAACGLGLGGFGAARALSTRNDEPTRASRPWDRDRDGFVLSDG
SGALVLEELEHARARGARIYAELVGFGMSGDAFHMTAPPEDGAGAARCMKNALRDAGLDPRQVDYINAHGTSTPAGDIAE
IAAVKSVFGEHAHALSMSSTKSMTGHLLGAAGAVEAIFSVLALRDQVAPPTINLDNPDEGCDLDLVAHEAKPRKIDVALS
NSFGFGGTNGTLVFRRFAD
;
_entity_poly.pdbx_strand_id   A,B
#
loop_
_chem_comp.id
_chem_comp.type
_chem_comp.name
_chem_comp.formula
CL non-polymer 'CHLORIDE ION' 'Cl -1'
DMS non-polymer 'DIMETHYL SULFOXIDE' 'C2 H6 O S'
EDO non-polymer 1,2-ETHANEDIOL 'C2 H6 O2'
FMT non-polymer 'FORMIC ACID' 'C H2 O2'
UGL non-polymer '(4~{R})-4-(1~{H}-pyrazol-3-ylcarbonylamino)pentanoic acid' 'C9 H13 N3 O3'
#
# COMPACT_ATOMS: atom_id res chain seq x y z
N SER A 5 -16.60 39.04 8.57
CA SER A 5 -17.68 38.09 8.95
C SER A 5 -18.65 37.83 7.79
N MET A 6 -19.23 38.91 7.23
CA MET A 6 -20.04 38.86 6.01
C MET A 6 -19.18 38.85 4.75
N SER A 7 -17.91 39.29 4.83
CA SER A 7 -16.98 39.34 3.70
C SER A 7 -15.84 38.32 3.83
N ARG A 8 -16.01 37.28 4.65
CA ARG A 8 -14.95 36.29 4.83
C ARG A 8 -14.97 35.30 3.66
N ARG A 9 -13.81 34.70 3.40
CA ARG A 9 -13.68 33.75 2.31
C ARG A 9 -14.18 32.38 2.78
N ARG A 10 -14.65 31.55 1.83
CA ARG A 10 -15.21 30.23 2.08
C ARG A 10 -14.08 29.21 2.05
N VAL A 11 -14.27 28.14 2.80
CA VAL A 11 -13.21 27.20 3.10
C VAL A 11 -13.73 25.79 2.81
N VAL A 12 -12.96 25.06 2.02
CA VAL A 12 -13.32 23.69 1.65
C VAL A 12 -12.19 22.72 2.02
N ILE A 13 -12.57 21.42 2.06
CA ILE A 13 -11.71 20.32 2.44
C ILE A 13 -11.28 19.66 1.15
N THR A 14 -9.98 19.72 0.84
CA THR A 14 -9.46 19.15 -0.39
C THR A 14 -8.56 17.93 -0.14
N GLY A 15 -8.29 17.55 1.10
CA GLY A 15 -7.42 16.42 1.36
C GLY A 15 -7.65 15.89 2.77
N MET A 16 -7.51 14.57 2.98
CA MET A 16 -7.73 14.00 4.29
C MET A 16 -6.73 12.87 4.54
N GLY A 17 -6.42 12.67 5.81
CA GLY A 17 -5.49 11.62 6.20
C GLY A 17 -5.74 11.21 7.63
N MET A 18 -5.37 9.95 7.96
CA MET A 18 -5.78 9.35 9.21
C MET A 18 -4.91 8.13 9.54
N LEU A 19 -4.55 7.99 10.82
CA LEU A 19 -4.27 6.71 11.44
C LEU A 19 -5.30 6.56 12.57
N SER A 20 -5.90 5.37 12.67
CA SER A 20 -6.85 5.08 13.72
C SER A 20 -6.67 3.66 14.20
N PRO A 21 -7.37 3.22 15.25
CA PRO A 21 -7.45 1.80 15.56
C PRO A 21 -8.12 0.90 14.52
N LEU A 22 -8.79 1.50 13.50
CA LEU A 22 -9.45 0.75 12.44
C LEU A 22 -8.67 0.73 11.14
N GLY A 23 -7.58 1.51 11.01
CA GLY A 23 -6.79 1.40 9.79
C GLY A 23 -5.69 2.42 9.71
N LEU A 24 -4.82 2.22 8.71
CA LEU A 24 -3.66 3.06 8.50
C LEU A 24 -3.90 4.19 7.47
N ASP A 25 -5.15 4.41 7.03
CA ASP A 25 -5.51 5.52 6.16
C ASP A 25 -7.00 5.79 6.31
N VAL A 26 -7.52 6.74 5.51
CA VAL A 26 -8.93 7.10 5.57
C VAL A 26 -9.79 5.97 5.01
N PRO A 27 -9.53 5.42 3.79
CA PRO A 27 -10.41 4.39 3.21
C PRO A 27 -10.60 3.15 4.08
N SER A 28 -9.49 2.65 4.69
CA SER A 28 -9.55 1.45 5.50
C SER A 28 -10.30 1.70 6.81
N SER A 29 -10.10 2.91 7.39
CA SER A 29 -10.78 3.26 8.64
C SER A 29 -12.27 3.31 8.44
N TRP A 30 -12.69 4.00 7.38
CA TRP A 30 -14.06 4.23 7.01
C TRP A 30 -14.77 2.90 6.69
N GLU A 31 -14.09 2.00 5.99
CA GLU A 31 -14.60 0.64 5.80
C GLU A 31 -14.91 -0.04 7.15
N GLY A 32 -13.97 0.02 8.10
CA GLY A 32 -14.25 -0.42 9.45
C GLY A 32 -15.46 0.26 10.10
N ILE A 33 -15.52 1.60 10.01
CA ILE A 33 -16.61 2.35 10.61
C ILE A 33 -17.94 1.86 10.03
N LEU A 34 -18.03 1.75 8.70
CA LEU A 34 -19.27 1.38 8.03
C LEU A 34 -19.64 -0.08 8.25
N ALA A 35 -18.65 -0.92 8.60
CA ALA A 35 -18.93 -2.29 9.01
C ALA A 35 -19.29 -2.44 10.48
N GLY A 36 -19.17 -1.39 11.30
CA GLY A 36 -19.40 -1.58 12.72
C GLY A 36 -18.31 -2.39 13.42
N ARG A 37 -17.08 -2.37 12.90
CA ARG A 37 -15.93 -3.06 13.50
CA ARG A 37 -15.95 -3.06 13.51
C ARG A 37 -15.41 -2.24 14.69
N SER A 38 -15.09 -2.93 15.80
CA SER A 38 -14.33 -2.38 16.89
C SER A 38 -12.84 -2.39 16.56
N GLY A 39 -12.12 -1.30 16.93
CA GLY A 39 -10.66 -1.28 16.93
C GLY A 39 -10.02 -1.54 18.30
N ILE A 40 -10.80 -1.95 19.30
CA ILE A 40 -10.29 -1.97 20.66
C ILE A 40 -9.81 -3.38 20.92
N ALA A 41 -8.67 -3.53 21.61
CA ALA A 41 -8.17 -4.85 21.95
C ALA A 41 -7.28 -4.72 23.17
N PRO A 42 -6.88 -5.85 23.77
CA PRO A 42 -5.83 -5.83 24.79
C PRO A 42 -4.56 -5.17 24.24
N ILE A 43 -3.94 -4.29 25.02
CA ILE A 43 -2.72 -3.63 24.57
C ILE A 43 -1.55 -4.60 24.76
N GLU A 44 -0.75 -4.77 23.71
CA GLU A 44 0.32 -5.75 23.65
C GLU A 44 1.67 -5.04 23.72
N HIS A 45 2.71 -5.85 23.93
CA HIS A 45 4.08 -5.37 24.01
C HIS A 45 4.19 -4.30 25.10
N MET A 46 3.53 -4.53 26.25
CA MET A 46 3.43 -3.59 27.36
C MET A 46 2.78 -4.32 28.53
N ASP A 47 3.46 -4.42 29.69
CA ASP A 47 2.99 -5.20 30.84
C ASP A 47 2.03 -4.35 31.69
N LEU A 48 0.72 -4.49 31.46
CA LEU A 48 -0.31 -3.69 32.11
C LEU A 48 -1.03 -4.47 33.23
N SER A 49 -0.41 -5.50 33.82
CA SER A 49 -1.09 -6.38 34.74
C SER A 49 -1.52 -5.64 36.02
N ALA A 50 -0.73 -4.66 36.42
CA ALA A 50 -1.06 -3.83 37.58
C ALA A 50 -2.20 -2.82 37.34
N TYR A 51 -2.70 -2.64 36.11
CA TYR A 51 -3.56 -1.51 35.79
C TYR A 51 -5.00 -1.99 35.74
N SER A 52 -5.93 -1.07 36.02
CA SER A 52 -7.33 -1.44 36.09
C SER A 52 -7.92 -1.46 34.68
N THR A 53 -7.21 -0.88 33.69
CA THR A 53 -7.65 -0.94 32.30
C THR A 53 -6.46 -1.44 31.49
N ARG A 54 -6.67 -2.50 30.69
CA ARG A 54 -5.55 -3.12 29.98
C ARG A 54 -5.83 -3.25 28.49
N PHE A 55 -6.75 -2.43 27.98
CA PHE A 55 -7.14 -2.45 26.59
C PHE A 55 -7.35 -1.01 26.13
N GLY A 56 -7.45 -0.85 24.82
CA GLY A 56 -7.55 0.45 24.19
C GLY A 56 -7.52 0.30 22.68
N GLY A 57 -7.55 1.41 21.95
CA GLY A 57 -7.41 1.37 20.52
C GLY A 57 -6.00 1.76 20.15
N SER A 58 -5.22 0.76 19.71
CA SER A 58 -3.86 0.99 19.23
C SER A 58 -3.90 1.07 17.72
N VAL A 59 -2.93 1.78 17.14
CA VAL A 59 -2.68 1.83 15.71
C VAL A 59 -1.83 0.59 15.45
N LYS A 60 -2.31 -0.32 14.63
CA LYS A 60 -1.72 -1.62 14.43
C LYS A 60 -1.02 -1.63 13.06
N GLY A 61 0.27 -1.99 13.07
CA GLY A 61 1.05 -2.24 11.85
C GLY A 61 1.57 -0.99 11.12
N PHE A 62 1.69 0.11 11.86
CA PHE A 62 2.14 1.38 11.31
C PHE A 62 3.61 1.31 10.93
N ASN A 63 3.92 1.77 9.73
CA ASN A 63 5.29 1.92 9.28
C ASN A 63 5.58 3.40 9.01
N VAL A 64 6.29 4.03 9.96
CA VAL A 64 6.68 5.43 9.87
C VAL A 64 7.57 5.63 8.63
N GLU A 65 8.31 4.58 8.18
CA GLU A 65 9.20 4.69 7.04
C GLU A 65 8.47 4.93 5.70
N GLU A 66 7.15 4.77 5.64
CA GLU A 66 6.41 5.24 4.48
C GLU A 66 6.43 6.77 4.40
N TYR A 67 6.66 7.48 5.51
CA TYR A 67 6.54 8.93 5.56
C TYR A 67 7.87 9.64 5.86
N LEU A 68 8.74 9.02 6.63
CA LEU A 68 9.99 9.60 7.12
C LEU A 68 11.05 8.57 6.90
N SER A 69 12.31 8.99 6.76
CA SER A 69 13.42 8.05 6.87
C SER A 69 13.51 7.55 8.32
N ALA A 70 14.14 6.40 8.51
CA ALA A 70 14.33 5.87 9.85
C ALA A 70 15.05 6.87 10.75
N LYS A 71 16.10 7.52 10.22
CA LYS A 71 16.92 8.49 10.94
C LYS A 71 16.05 9.64 11.49
N GLU A 72 15.20 10.24 10.63
CA GLU A 72 14.30 11.33 11.02
C GLU A 72 13.30 10.82 12.07
N ALA A 73 12.76 9.60 11.86
CA ALA A 73 11.66 9.07 12.66
C ALA A 73 12.10 8.77 14.09
N ARG A 74 13.33 8.29 14.26
CA ARG A 74 13.88 7.97 15.57
C ARG A 74 14.01 9.21 16.45
N LYS A 75 13.95 10.41 15.86
CA LYS A 75 13.99 11.62 16.67
C LYS A 75 12.67 11.89 17.40
N LEU A 76 11.55 11.21 17.03
CA LEU A 76 10.24 11.74 17.31
C LEU A 76 9.40 10.76 18.14
N ASP A 77 8.64 11.30 19.10
CA ASP A 77 7.60 10.53 19.78
C ASP A 77 6.58 10.01 18.79
N LEU A 78 5.97 8.89 19.14
CA LEU A 78 4.92 8.30 18.34
C LEU A 78 3.79 9.26 18.02
N PHE A 79 3.38 10.16 18.93
CA PHE A 79 2.29 11.09 18.58
C PHE A 79 2.71 11.97 17.42
N ILE A 80 4.00 12.31 17.34
CA ILE A 80 4.47 13.14 16.24
C ILE A 80 4.50 12.35 14.94
N GLN A 81 5.04 11.15 15.02
CA GLN A 81 4.98 10.18 13.91
C GLN A 81 3.58 10.04 13.37
N TYR A 82 2.57 9.91 14.26
CA TYR A 82 1.22 9.70 13.82
C TYR A 82 0.70 10.97 13.12
N GLY A 83 1.03 12.14 13.68
CA GLY A 83 0.53 13.41 13.16
C GLY A 83 1.14 13.73 11.81
N LEU A 84 2.44 13.41 11.66
CA LEU A 84 3.06 13.58 10.35
C LEU A 84 2.45 12.66 9.30
N ALA A 85 2.21 11.39 9.67
CA ALA A 85 1.58 10.42 8.78
C ALA A 85 0.26 10.94 8.22
N ALA A 86 -0.65 11.36 9.11
CA ALA A 86 -1.95 11.84 8.69
C ALA A 86 -1.80 13.10 7.82
N SER A 87 -0.87 13.99 8.19
CA SER A 87 -0.60 15.24 7.49
C SER A 87 -0.11 14.98 6.08
N PHE A 88 0.94 14.16 5.97
CA PHE A 88 1.48 13.82 4.67
C PHE A 88 0.41 13.14 3.80
N GLN A 89 -0.48 12.32 4.39
CA GLN A 89 -1.54 11.67 3.64
C GLN A 89 -2.47 12.77 3.13
N ALA A 90 -2.83 13.71 4.01
CA ALA A 90 -3.79 14.75 3.61
C ALA A 90 -3.21 15.63 2.51
N VAL A 91 -1.94 16.02 2.62
CA VAL A 91 -1.33 16.90 1.63
C VAL A 91 -1.31 16.17 0.27
N ARG A 92 -0.84 14.93 0.27
CA ARG A 92 -0.79 14.12 -0.94
C ARG A 92 -2.18 14.02 -1.55
N ASP A 93 -3.18 13.71 -0.71
CA ASP A 93 -4.56 13.52 -1.12
C ASP A 93 -5.07 14.80 -1.77
N SER A 94 -4.62 15.95 -1.28
CA SER A 94 -5.04 17.24 -1.81
C SER A 94 -4.55 17.49 -3.23
N GLY A 95 -3.41 16.89 -3.61
CA GLY A 95 -2.76 17.17 -4.88
C GLY A 95 -2.06 18.52 -4.93
N LEU A 96 -1.89 19.19 -3.77
CA LEU A 96 -1.32 20.53 -3.72
C LEU A 96 0.18 20.41 -3.96
N GLU A 97 0.73 21.38 -4.71
CA GLU A 97 2.17 21.46 -4.94
C GLU A 97 2.64 22.74 -4.27
N VAL A 98 3.67 22.59 -3.44
CA VAL A 98 4.23 23.69 -2.65
C VAL A 98 5.36 24.29 -3.46
N THR A 99 5.28 25.60 -3.68
CA THR A 99 6.23 26.34 -4.49
C THR A 99 6.66 27.59 -3.72
N ASP A 100 7.69 28.25 -4.27
CA ASP A 100 8.10 29.59 -3.86
C ASP A 100 6.96 30.61 -3.98
N ALA A 101 6.03 30.40 -4.93
CA ALA A 101 4.88 31.29 -5.08
C ALA A 101 3.86 31.15 -3.95
N ASN A 102 3.67 29.94 -3.37
CA ASN A 102 2.55 29.74 -2.45
C ASN A 102 3.00 29.37 -1.03
N ARG A 103 4.29 29.09 -0.78
CA ARG A 103 4.70 28.41 0.45
C ARG A 103 4.39 29.26 1.71
N GLU A 104 4.37 30.60 1.60
CA GLU A 104 4.05 31.47 2.72
C GLU A 104 2.55 31.55 2.95
N ARG A 105 1.73 31.07 2.00
CA ARG A 105 0.29 31.04 2.14
C ARG A 105 -0.23 29.68 2.62
N ILE A 106 0.65 28.74 2.96
CA ILE A 106 0.29 27.42 3.40
C ILE A 106 0.88 27.26 4.81
N GLY A 107 0.00 27.04 5.80
CA GLY A 107 0.40 26.86 7.18
C GLY A 107 -0.03 25.52 7.74
N VAL A 108 0.19 25.35 9.04
CA VAL A 108 -0.14 24.09 9.69
C VAL A 108 -0.53 24.34 11.14
N SER A 109 -1.58 23.61 11.54
CA SER A 109 -2.10 23.59 12.90
C SER A 109 -2.51 22.17 13.28
N MET A 110 -1.54 21.42 13.75
CA MET A 110 -1.75 20.05 14.22
C MET A 110 -1.48 20.07 15.72
N GLY A 111 -2.47 19.65 16.50
CA GLY A 111 -2.36 19.68 17.94
C GLY A 111 -2.32 18.29 18.57
N SER A 112 -2.22 18.28 19.90
CA SER A 112 -2.35 17.08 20.72
C SER A 112 -2.88 17.49 22.09
N GLY A 113 -3.57 16.55 22.74
CA GLY A 113 -4.04 16.77 24.11
C GLY A 113 -2.92 16.58 25.12
N ILE A 114 -2.23 15.43 25.06
CA ILE A 114 -1.29 14.95 26.06
C ILE A 114 0.15 15.09 25.56
N GLY A 115 0.36 15.00 24.24
CA GLY A 115 1.70 15.07 23.68
C GLY A 115 2.48 13.80 23.99
N GLY A 116 3.78 13.95 24.21
CA GLY A 116 4.75 12.87 24.10
C GLY A 116 4.94 12.17 25.43
N LEU A 117 3.85 11.56 25.89
CA LEU A 117 3.79 10.91 27.18
C LEU A 117 4.71 9.69 27.17
N THR A 118 4.73 8.92 26.06
CA THR A 118 5.61 7.79 25.87
C THR A 118 7.09 8.20 25.98
N ASN A 119 7.50 9.26 25.27
CA ASN A 119 8.87 9.74 25.38
C ASN A 119 9.20 10.16 26.81
N ILE A 120 8.24 10.81 27.48
CA ILE A 120 8.49 11.28 28.84
C ILE A 120 8.71 10.09 29.77
N GLU A 121 7.86 9.07 29.68
CA GLU A 121 7.99 7.82 30.42
C GLU A 121 9.39 7.23 30.23
N ASN A 122 9.80 7.01 28.97
CA ASN A 122 11.09 6.40 28.66
C ASN A 122 12.22 7.25 29.24
N ASN A 123 12.14 8.57 29.04
CA ASN A 123 13.23 9.45 29.47
C ASN A 123 13.25 9.56 30.98
N CYS A 124 12.09 9.51 31.65
CA CYS A 124 11.98 9.58 33.08
C CYS A 124 12.62 8.34 33.72
N ARG A 125 12.39 7.18 33.10
CA ARG A 125 12.98 5.91 33.47
C ARG A 125 14.52 6.02 33.37
N SER A 126 15.05 6.50 32.25
CA SER A 126 16.48 6.70 32.09
C SER A 126 16.98 7.67 33.16
N LEU A 127 16.22 8.76 33.40
CA LEU A 127 16.64 9.72 34.38
C LEU A 127 16.77 9.06 35.75
N PHE A 128 15.78 8.26 36.17
CA PHE A 128 15.72 7.74 37.53
C PHE A 128 16.71 6.59 37.75
N GLU A 129 16.90 5.73 36.75
CA GLU A 129 17.72 4.54 36.87
C GLU A 129 19.20 4.92 36.71
N GLN A 130 19.50 5.78 35.71
CA GLN A 130 20.87 6.04 35.30
C GLN A 130 21.26 7.48 35.63
N GLY A 131 20.42 8.47 35.30
CA GLY A 131 20.74 9.84 35.62
C GLY A 131 20.58 10.71 34.38
N PRO A 132 20.80 12.02 34.54
CA PRO A 132 20.45 12.98 33.49
C PRO A 132 21.26 12.82 32.20
N ARG A 133 22.42 12.15 32.29
CA ARG A 133 23.27 11.90 31.13
C ARG A 133 22.70 10.83 30.20
N ARG A 134 21.64 10.10 30.62
CA ARG A 134 20.98 9.17 29.71
C ARG A 134 19.68 9.73 29.13
N ILE A 135 19.40 11.04 29.30
CA ILE A 135 18.26 11.64 28.62
C ILE A 135 18.63 11.81 27.14
N SER A 136 17.73 11.46 26.23
CA SER A 136 18.02 11.65 24.82
C SER A 136 18.22 13.14 24.53
N PRO A 137 19.16 13.55 23.64
CA PRO A 137 19.17 14.92 23.14
C PRO A 137 17.97 15.33 22.30
N PHE A 138 17.22 14.35 21.78
CA PHE A 138 15.99 14.63 21.05
C PHE A 138 14.76 14.65 21.95
N PHE A 139 14.91 14.47 23.27
CA PHE A 139 13.76 14.36 24.14
C PHE A 139 12.86 15.58 24.02
N VAL A 140 13.43 16.79 24.19
CA VAL A 140 12.63 17.98 24.17
C VAL A 140 12.08 18.21 22.77
N PRO A 141 12.88 18.35 21.70
CA PRO A 141 12.32 18.73 20.41
C PRO A 141 11.41 17.67 19.83
N GLY A 142 11.70 16.38 20.14
CA GLY A 142 10.88 15.29 19.66
C GLY A 142 9.68 14.89 20.54
N SER A 143 9.35 15.65 21.59
CA SER A 143 8.20 15.36 22.45
C SER A 143 7.24 16.53 22.60
N ILE A 144 7.64 17.75 22.23
CA ILE A 144 6.80 18.93 22.43
C ILE A 144 5.71 18.91 21.36
N ILE A 145 4.52 19.31 21.78
CA ILE A 145 3.32 19.21 20.97
C ILE A 145 3.42 19.93 19.63
N ASN A 146 4.13 21.04 19.55
CA ASN A 146 4.13 21.81 18.31
C ASN A 146 5.07 21.23 17.28
N MET A 147 5.73 20.09 17.55
CA MET A 147 6.68 19.56 16.60
C MET A 147 6.00 18.79 15.45
N VAL A 148 4.69 18.51 15.50
CA VAL A 148 4.02 18.07 14.28
C VAL A 148 4.03 19.20 13.26
N SER A 149 3.49 20.35 13.70
CA SER A 149 3.44 21.54 12.86
C SER A 149 4.87 21.90 12.43
N GLY A 150 5.84 21.76 13.37
CA GLY A 150 7.21 22.15 13.08
C GLY A 150 7.89 21.26 12.03
N PHE A 151 7.89 19.94 12.26
CA PHE A 151 8.46 18.99 11.30
CA PHE A 151 8.44 18.97 11.32
C PHE A 151 7.69 18.97 9.98
N LEU A 152 6.36 19.03 10.02
CA LEU A 152 5.62 19.12 8.76
C LEU A 152 6.09 20.31 7.91
N SER A 153 6.29 21.46 8.55
CA SER A 153 6.68 22.67 7.84
C SER A 153 8.09 22.55 7.27
N ILE A 154 8.98 21.89 8.01
CA ILE A 154 10.34 21.66 7.57
C ILE A 154 10.34 20.74 6.36
N HIS A 155 9.67 19.59 6.49
CA HIS A 155 9.67 18.58 5.45
C HIS A 155 9.03 19.08 4.16
N LEU A 156 8.01 19.94 4.22
CA LEU A 156 7.26 20.34 3.04
C LEU A 156 7.54 21.79 2.65
N GLY A 157 8.30 22.52 3.47
CA GLY A 157 8.69 23.89 3.14
C GLY A 157 7.56 24.88 3.34
N LEU A 158 6.77 24.68 4.41
CA LEU A 158 5.61 25.53 4.65
C LEU A 158 6.03 26.70 5.53
N GLN A 159 5.76 27.91 5.06
CA GLN A 159 6.23 29.10 5.73
C GLN A 159 5.05 29.90 6.28
N GLY A 160 3.81 29.42 6.12
CA GLY A 160 2.66 30.13 6.64
C GLY A 160 2.48 29.99 8.15
N PRO A 161 1.30 30.41 8.68
CA PRO A 161 1.04 30.34 10.11
C PRO A 161 1.30 28.92 10.62
N ASN A 162 2.08 28.83 11.70
CA ASN A 162 2.60 27.58 12.19
C ASN A 162 2.35 27.51 13.70
N TYR A 163 1.38 26.70 14.13
CA TYR A 163 1.03 26.66 15.54
C TYR A 163 0.41 25.30 15.89
N ALA A 164 0.06 25.15 17.16
CA ALA A 164 -0.50 23.97 17.76
C ALA A 164 -1.42 24.35 18.91
N LEU A 165 -2.64 23.79 18.91
CA LEU A 165 -3.61 23.84 19.98
C LEU A 165 -3.33 22.64 20.91
N THR A 166 -3.67 22.81 22.19
CA THR A 166 -3.83 21.71 23.11
C THR A 166 -5.06 22.02 23.96
N THR A 167 -6.21 21.44 23.60
CA THR A 167 -7.43 21.65 24.36
C THR A 167 -8.06 20.31 24.62
N ALA A 168 -7.26 19.40 25.18
CA ALA A 168 -7.72 18.10 25.63
C ALA A 168 -8.46 17.39 24.48
N ALA A 169 -9.65 16.85 24.74
CA ALA A 169 -10.41 16.10 23.76
C ALA A 169 -10.99 17.03 22.68
N THR A 170 -10.84 18.34 22.83
CA THR A 170 -11.39 19.30 21.87
C THR A 170 -10.34 19.70 20.84
N THR A 171 -9.08 19.28 21.03
CA THR A 171 -7.96 19.80 20.26
C THR A 171 -8.16 19.75 18.75
N GLY A 172 -8.55 18.57 18.25
CA GLY A 172 -8.65 18.37 16.83
C GLY A 172 -9.72 19.26 16.18
N THR A 173 -10.85 19.41 16.86
CA THR A 173 -11.95 20.26 16.43
C THR A 173 -11.55 21.74 16.42
N HIS A 174 -10.86 22.21 17.47
CA HIS A 174 -10.34 23.57 17.52
C HIS A 174 -9.27 23.82 16.46
N SER A 175 -8.40 22.85 16.25
CA SER A 175 -7.31 23.00 15.29
C SER A 175 -7.90 23.24 13.89
N ILE A 176 -8.96 22.47 13.53
CA ILE A 176 -9.60 22.63 12.24
C ILE A 176 -10.33 23.95 12.17
N GLY A 177 -11.15 24.27 13.17
CA GLY A 177 -11.92 25.48 13.17
C GLY A 177 -11.04 26.72 13.05
N MET A 178 -9.95 26.76 13.81
CA MET A 178 -9.12 27.95 13.85
C MET A 178 -8.25 28.07 12.60
N ALA A 179 -7.83 26.96 12.04
CA ALA A 179 -7.20 26.98 10.71
C ALA A 179 -8.17 27.47 9.64
N ALA A 180 -9.45 27.13 9.72
CA ALA A 180 -10.41 27.61 8.74
C ALA A 180 -10.58 29.12 8.88
N ARG A 181 -10.57 29.63 10.10
CA ARG A 181 -10.63 31.05 10.34
C ARG A 181 -9.42 31.75 9.72
N ASN A 182 -8.26 31.11 9.81
CA ASN A 182 -7.06 31.65 9.18
C ASN A 182 -7.31 31.91 7.70
N ILE A 183 -7.89 30.94 7.02
CA ILE A 183 -8.16 31.04 5.59
C ILE A 183 -9.28 32.03 5.31
N ALA A 184 -10.33 32.00 6.13
CA ALA A 184 -11.51 32.82 5.94
C ALA A 184 -11.19 34.32 6.07
N TYR A 185 -10.26 34.67 6.97
CA TYR A 185 -9.83 36.05 7.20
C TYR A 185 -8.54 36.39 6.46
N GLY A 186 -8.03 35.46 5.63
CA GLY A 186 -6.98 35.77 4.67
C GLY A 186 -5.57 35.74 5.27
N GLU A 187 -5.39 35.08 6.41
CA GLU A 187 -4.06 34.90 6.99
C GLU A 187 -3.30 33.78 6.27
N ALA A 188 -4.00 32.91 5.51
CA ALA A 188 -3.38 31.84 4.73
C ALA A 188 -4.38 31.39 3.68
N ASP A 189 -3.92 30.72 2.62
CA ASP A 189 -4.82 30.17 1.62
C ASP A 189 -5.07 28.68 1.82
N VAL A 190 -4.15 28.00 2.49
CA VAL A 190 -4.24 26.58 2.75
C VAL A 190 -3.72 26.33 4.17
N MET A 191 -4.39 25.43 4.90
CA MET A 191 -3.88 24.98 6.20
C MET A 191 -4.02 23.47 6.28
N VAL A 192 -3.01 22.85 6.86
CA VAL A 192 -3.05 21.47 7.32
C VAL A 192 -3.38 21.47 8.81
N ALA A 193 -4.50 20.85 9.17
CA ALA A 193 -5.09 20.98 10.49
C ALA A 193 -5.64 19.67 10.98
N GLY A 194 -5.68 19.54 12.33
CA GLY A 194 -6.09 18.29 12.94
C GLY A 194 -5.34 18.01 14.23
N GLY A 195 -5.11 16.72 14.48
CA GLY A 195 -4.39 16.36 15.68
C GLY A 195 -3.97 14.91 15.70
N SER A 196 -3.25 14.59 16.77
CA SER A 196 -2.69 13.28 16.98
C SER A 196 -2.50 13.00 18.47
N GLU A 197 -2.50 11.71 18.81
CA GLU A 197 -2.32 11.28 20.19
C GLU A 197 -1.76 9.87 20.23
N MET A 198 -1.01 9.64 21.27
CA MET A 198 -0.50 8.33 21.61
C MET A 198 -0.29 8.35 23.14
N ALA A 199 -1.33 8.08 23.89
CA ALA A 199 -1.28 8.12 25.34
C ALA A 199 -1.34 6.71 25.93
N ALA A 200 -1.49 5.65 25.11
CA ALA A 200 -1.53 4.27 25.60
C ALA A 200 -0.13 3.84 26.05
N CYS A 201 0.38 4.51 27.08
CA CYS A 201 1.48 4.08 27.92
C CYS A 201 0.92 3.98 29.35
N GLY A 202 1.79 3.73 30.32
CA GLY A 202 1.38 3.53 31.69
C GLY A 202 0.91 4.80 32.38
N LEU A 203 1.61 5.90 32.14
CA LEU A 203 1.17 7.21 32.62
C LEU A 203 -0.23 7.58 32.10
N GLY A 204 -0.57 7.25 30.84
CA GLY A 204 -1.88 7.51 30.27
C GLY A 204 -2.98 6.64 30.87
N LEU A 205 -2.79 5.31 30.84
CA LEU A 205 -3.75 4.40 31.41
C LEU A 205 -3.82 4.60 32.91
N GLY A 206 -2.66 4.73 33.56
CA GLY A 206 -2.58 4.99 34.98
C GLY A 206 -3.24 6.31 35.39
N GLY A 207 -2.94 7.36 34.62
CA GLY A 207 -3.45 8.69 34.84
C GLY A 207 -4.96 8.75 34.68
N PHE A 208 -5.44 8.29 33.53
CA PHE A 208 -6.88 8.31 33.30
C PHE A 208 -7.60 7.31 34.21
N GLY A 209 -6.96 6.17 34.52
CA GLY A 209 -7.48 5.23 35.51
C GLY A 209 -7.63 5.80 36.93
N ALA A 210 -6.59 6.52 37.40
CA ALA A 210 -6.65 7.24 38.67
C ALA A 210 -7.73 8.32 38.66
N ALA A 211 -7.95 8.97 37.51
CA ALA A 211 -9.04 9.93 37.44
C ALA A 211 -10.42 9.28 37.33
N ARG A 212 -10.51 7.93 37.28
CA ARG A 212 -11.76 7.16 37.18
C ARG A 212 -12.53 7.52 35.89
N ALA A 213 -11.79 7.78 34.82
CA ALA A 213 -12.35 8.20 33.56
C ALA A 213 -12.59 7.01 32.63
N LEU A 214 -12.01 5.84 32.91
CA LEU A 214 -11.94 4.76 31.92
C LEU A 214 -12.91 3.63 32.23
N SER A 215 -13.42 3.00 31.17
CA SER A 215 -13.99 1.67 31.28
C SER A 215 -12.98 0.68 31.82
N THR A 216 -13.48 -0.23 32.67
CA THR A 216 -12.66 -1.36 33.15
C THR A 216 -13.20 -2.71 32.66
N ARG A 217 -13.85 -2.73 31.48
CA ARG A 217 -14.42 -3.95 30.94
C ARG A 217 -13.35 -4.78 30.21
N ASN A 218 -12.37 -5.26 30.97
CA ASN A 218 -11.19 -5.98 30.49
C ASN A 218 -11.54 -7.31 29.83
N ASP A 219 -12.65 -7.88 30.27
CA ASP A 219 -13.12 -9.17 29.78
C ASP A 219 -13.69 -9.03 28.37
N GLU A 220 -14.21 -7.85 27.96
CA GLU A 220 -14.79 -7.69 26.63
C GLU A 220 -14.44 -6.32 26.06
N PRO A 221 -13.16 -6.09 25.68
CA PRO A 221 -12.71 -4.76 25.23
C PRO A 221 -13.57 -4.19 24.10
N THR A 222 -14.09 -5.07 23.20
CA THR A 222 -14.84 -4.60 22.06
C THR A 222 -16.21 -4.10 22.50
N ARG A 223 -16.66 -4.49 23.71
CA ARG A 223 -17.94 -4.04 24.22
C ARG A 223 -17.83 -2.84 25.19
N ALA A 224 -16.63 -2.38 25.47
CA ALA A 224 -16.41 -1.41 26.53
C ALA A 224 -16.99 -0.04 26.17
N SER A 225 -16.67 0.40 24.94
CA SER A 225 -17.17 1.70 24.46
C SER A 225 -18.59 1.49 23.97
N ARG A 226 -19.56 2.05 24.71
CA ARG A 226 -20.97 1.84 24.45
C ARG A 226 -21.71 3.15 24.75
N PRO A 227 -21.52 4.20 23.94
CA PRO A 227 -22.17 5.50 24.16
C PRO A 227 -23.69 5.46 24.29
N TRP A 228 -24.22 6.14 25.32
CA TRP A 228 -25.66 6.17 25.66
C TRP A 228 -26.24 4.83 26.12
N ASP A 229 -25.45 3.73 26.17
CA ASP A 229 -25.92 2.47 26.72
C ASP A 229 -25.96 2.58 28.24
N ARG A 230 -26.96 1.96 28.86
CA ARG A 230 -27.10 2.04 30.30
C ARG A 230 -25.96 1.33 31.05
N ASP A 231 -25.16 0.44 30.43
CA ASP A 231 -24.06 -0.22 31.12
C ASP A 231 -22.70 0.39 30.79
N ARG A 232 -22.67 1.60 30.20
CA ARG A 232 -21.43 2.30 29.97
C ARG A 232 -20.69 2.53 31.30
N ASP A 233 -19.35 2.55 31.27
CA ASP A 233 -18.61 2.75 32.53
C ASP A 233 -17.36 3.59 32.27
N GLY A 234 -17.47 4.59 31.37
CA GLY A 234 -16.32 5.43 31.04
C GLY A 234 -15.71 5.11 29.67
N PHE A 235 -14.74 5.95 29.27
CA PHE A 235 -14.28 5.92 27.89
C PHE A 235 -13.13 4.97 27.70
N VAL A 236 -12.82 4.73 26.44
CA VAL A 236 -11.76 3.84 26.02
C VAL A 236 -10.65 4.69 25.42
N LEU A 237 -9.41 4.51 25.89
CA LEU A 237 -8.27 5.33 25.49
C LEU A 237 -7.75 4.80 24.16
N SER A 238 -7.63 5.66 23.13
CA SER A 238 -7.17 5.24 21.82
C SER A 238 -6.13 6.20 21.24
N ASP A 239 -5.41 5.73 20.23
CA ASP A 239 -4.28 6.40 19.63
C ASP A 239 -4.58 6.64 18.16
N GLY A 240 -3.92 7.63 17.59
CA GLY A 240 -4.06 7.93 16.18
C GLY A 240 -3.97 9.40 15.84
N SER A 241 -4.53 9.72 14.64
CA SER A 241 -4.31 11.03 14.08
C SER A 241 -5.30 11.31 12.97
N GLY A 242 -5.56 12.56 12.75
CA GLY A 242 -6.35 13.00 11.63
C GLY A 242 -5.85 14.36 11.18
N ALA A 243 -5.85 14.54 9.86
CA ALA A 243 -5.49 15.78 9.24
C ALA A 243 -6.40 16.07 8.03
N LEU A 244 -6.70 17.35 7.88
CA LEU A 244 -7.45 17.88 6.76
C LEU A 244 -6.56 18.93 6.13
N VAL A 245 -6.59 18.93 4.80
CA VAL A 245 -6.15 20.09 4.06
C VAL A 245 -7.36 20.97 3.85
N LEU A 246 -7.30 22.14 4.49
CA LEU A 246 -8.27 23.21 4.27
C LEU A 246 -7.72 24.16 3.23
N GLU A 247 -8.61 24.75 2.43
CA GLU A 247 -8.25 25.55 1.28
C GLU A 247 -9.35 26.56 0.93
N GLU A 248 -8.94 27.78 0.57
CA GLU A 248 -9.90 28.79 0.17
C GLU A 248 -10.57 28.30 -1.12
N LEU A 249 -11.87 28.51 -1.24
CA LEU A 249 -12.70 27.96 -2.31
C LEU A 249 -12.15 28.30 -3.71
N GLU A 250 -12.00 29.60 -4.00
CA GLU A 250 -11.52 30.04 -5.30
C GLU A 250 -10.13 29.50 -5.62
N HIS A 251 -9.25 29.38 -4.59
CA HIS A 251 -7.93 28.77 -4.71
C HIS A 251 -8.08 27.32 -5.14
N ALA A 252 -9.04 26.60 -4.53
CA ALA A 252 -9.24 25.18 -4.84
C ALA A 252 -9.83 25.03 -6.24
N ARG A 253 -10.82 25.86 -6.57
CA ARG A 253 -11.47 25.83 -7.89
C ARG A 253 -10.44 26.13 -8.99
N ALA A 254 -9.61 27.17 -8.77
CA ALA A 254 -8.60 27.61 -9.74
C ALA A 254 -7.60 26.49 -10.10
N ARG A 255 -7.26 25.60 -9.15
CA ARG A 255 -6.31 24.52 -9.43
C ARG A 255 -7.04 23.22 -9.71
N GLY A 256 -8.38 23.25 -9.85
CA GLY A 256 -9.15 22.05 -10.13
C GLY A 256 -9.07 20.99 -9.02
N ALA A 257 -8.95 21.42 -7.74
CA ALA A 257 -8.92 20.48 -6.63
C ALA A 257 -10.22 19.68 -6.52
N ARG A 258 -10.11 18.40 -6.13
CA ARG A 258 -11.25 17.64 -5.66
C ARG A 258 -11.67 18.16 -4.29
N ILE A 259 -12.91 18.65 -4.19
CA ILE A 259 -13.45 19.21 -2.97
C ILE A 259 -14.36 18.18 -2.33
N TYR A 260 -14.07 17.76 -1.08
CA TYR A 260 -14.91 16.79 -0.40
C TYR A 260 -16.12 17.47 0.21
N ALA A 261 -15.94 18.67 0.77
CA ALA A 261 -17.02 19.33 1.47
C ALA A 261 -16.59 20.76 1.81
N GLU A 262 -17.57 21.54 2.24
CA GLU A 262 -17.33 22.91 2.67
C GLU A 262 -17.45 22.92 4.19
N LEU A 263 -16.48 23.57 4.82
CA LEU A 263 -16.50 23.82 6.24
C LEU A 263 -17.19 25.18 6.42
N VAL A 264 -18.47 25.13 6.87
CA VAL A 264 -19.33 26.30 6.87
C VAL A 264 -19.41 26.88 8.27
N GLY A 265 -19.18 26.11 9.34
CA GLY A 265 -19.41 26.65 10.68
C GLY A 265 -18.41 26.15 11.71
N PHE A 266 -18.00 27.05 12.59
CA PHE A 266 -17.18 26.66 13.73
C PHE A 266 -17.68 27.44 14.92
N GLY A 267 -17.92 26.70 16.01
CA GLY A 267 -18.36 27.28 17.26
C GLY A 267 -17.45 26.83 18.39
N MET A 268 -17.25 27.73 19.35
CA MET A 268 -16.54 27.44 20.59
C MET A 268 -17.41 27.90 21.77
N SER A 269 -17.26 27.23 22.89
CA SER A 269 -17.80 27.74 24.14
C SER A 269 -16.94 27.17 25.26
N GLY A 270 -17.17 27.71 26.46
CA GLY A 270 -16.67 27.14 27.69
C GLY A 270 -17.87 26.88 28.61
N ASP A 271 -17.87 25.72 29.28
CA ASP A 271 -18.89 25.42 30.27
C ASP A 271 -18.78 26.37 31.47
N ALA A 272 -17.56 26.65 31.94
CA ALA A 272 -17.35 27.37 33.20
C ALA A 272 -18.07 26.67 34.36
N PHE A 273 -17.80 25.35 34.49
CA PHE A 273 -18.54 24.50 35.40
C PHE A 273 -17.60 23.63 36.24
N HIS A 274 -17.04 22.56 35.68
CA HIS A 274 -16.25 21.58 36.42
C HIS A 274 -15.02 21.21 35.56
N MET A 275 -13.96 20.76 36.24
CA MET A 275 -12.69 20.35 35.63
C MET A 275 -12.91 19.22 34.61
N THR A 276 -13.69 18.20 35.01
CA THR A 276 -13.83 16.97 34.24
C THR A 276 -15.28 16.59 33.93
N ALA A 277 -16.27 17.05 34.70
CA ALA A 277 -17.68 16.67 34.52
C ALA A 277 -18.42 17.82 33.83
N PRO A 278 -19.38 17.54 32.93
CA PRO A 278 -20.15 18.58 32.26
C PRO A 278 -21.31 19.05 33.13
N PRO A 279 -21.94 20.20 32.84
CA PRO A 279 -23.24 20.49 33.42
C PRO A 279 -24.25 19.45 32.91
N GLU A 280 -25.22 19.07 33.76
CA GLU A 280 -26.08 17.93 33.46
C GLU A 280 -26.96 18.17 32.23
N ASP A 281 -27.33 19.44 31.98
CA ASP A 281 -28.10 19.84 30.81
C ASP A 281 -27.22 20.05 29.56
N GLY A 282 -25.89 19.91 29.65
CA GLY A 282 -24.98 20.21 28.55
C GLY A 282 -25.07 21.61 27.97
N ALA A 283 -25.26 22.64 28.83
CA ALA A 283 -25.52 24.00 28.38
C ALA A 283 -24.35 24.55 27.57
N GLY A 284 -23.11 24.25 27.94
CA GLY A 284 -21.96 24.69 27.15
C GLY A 284 -21.97 24.10 25.74
N ALA A 285 -22.27 22.79 25.67
CA ALA A 285 -22.39 22.12 24.38
C ALA A 285 -23.48 22.77 23.52
N ALA A 286 -24.61 23.13 24.14
CA ALA A 286 -25.69 23.82 23.46
C ALA A 286 -25.25 25.16 22.90
N ARG A 287 -24.59 26.00 23.72
CA ARG A 287 -24.12 27.30 23.28
C ARG A 287 -23.15 27.12 22.12
N CYS A 288 -22.25 26.15 22.27
CA CYS A 288 -21.26 25.86 21.24
C CYS A 288 -21.91 25.48 19.89
N MET A 289 -22.89 24.55 19.91
CA MET A 289 -23.54 24.13 18.69
C MET A 289 -24.33 25.31 18.06
N LYS A 290 -25.05 26.09 18.88
CA LYS A 290 -25.69 27.32 18.39
C LYS A 290 -24.71 28.27 17.71
N ASN A 291 -23.56 28.50 18.35
CA ASN A 291 -22.54 29.39 17.81
C ASN A 291 -22.10 28.94 16.42
N ALA A 292 -21.93 27.63 16.29
CA ALA A 292 -21.51 27.02 15.05
C ALA A 292 -22.57 27.18 13.95
N LEU A 293 -23.84 26.91 14.27
CA LEU A 293 -24.92 27.02 13.29
C LEU A 293 -25.10 28.47 12.84
N ARG A 294 -25.02 29.39 13.80
CA ARG A 294 -25.10 30.82 13.52
C ARG A 294 -23.90 31.23 12.70
N ASP A 295 -22.73 30.67 13.02
CA ASP A 295 -21.53 30.90 12.25
C ASP A 295 -21.71 30.44 10.81
N ALA A 296 -22.40 29.32 10.64
CA ALA A 296 -22.61 28.77 9.32
C ALA A 296 -23.78 29.43 8.60
N GLY A 297 -24.63 30.13 9.34
CA GLY A 297 -25.83 30.74 8.80
C GLY A 297 -26.84 29.65 8.47
N LEU A 298 -26.88 28.61 9.32
CA LEU A 298 -27.80 27.50 9.11
C LEU A 298 -28.86 27.51 10.19
N ASP A 299 -30.09 27.20 9.78
CA ASP A 299 -31.16 26.81 10.67
C ASP A 299 -30.84 25.44 11.26
N PRO A 300 -31.15 25.16 12.55
CA PRO A 300 -30.95 23.81 13.11
C PRO A 300 -31.61 22.69 12.29
N ARG A 301 -32.73 22.98 11.60
CA ARG A 301 -33.44 22.01 10.75
C ARG A 301 -32.63 21.59 9.54
N GLN A 302 -31.56 22.31 9.20
CA GLN A 302 -30.70 21.92 8.10
C GLN A 302 -29.71 20.84 8.53
N VAL A 303 -29.54 20.54 9.82
CA VAL A 303 -28.57 19.52 10.22
C VAL A 303 -29.17 18.12 10.03
N ASP A 304 -28.47 17.26 9.27
CA ASP A 304 -28.92 15.91 9.00
C ASP A 304 -28.23 14.86 9.87
N TYR A 305 -26.91 15.04 10.10
CA TYR A 305 -26.11 14.08 10.82
C TYR A 305 -25.26 14.84 11.85
N ILE A 306 -25.21 14.31 13.09
CA ILE A 306 -24.30 14.75 14.14
C ILE A 306 -23.36 13.59 14.46
N ASN A 307 -22.05 13.80 14.29
CA ASN A 307 -21.03 12.96 14.94
C ASN A 307 -20.80 13.51 16.35
N ALA A 308 -21.38 12.83 17.32
CA ALA A 308 -21.34 13.21 18.71
C ALA A 308 -19.94 13.06 19.29
N HIS A 309 -19.75 13.77 20.39
CA HIS A 309 -18.61 13.50 21.24
C HIS A 309 -18.72 12.07 21.79
N GLY A 310 -19.82 11.77 22.49
CA GLY A 310 -20.27 10.42 22.81
C GLY A 310 -19.13 9.50 23.24
N THR A 311 -18.49 9.82 24.39
CA THR A 311 -17.33 9.13 24.90
C THR A 311 -17.65 7.86 25.70
N SER A 312 -18.93 7.54 25.99
CA SER A 312 -19.32 6.41 26.83
C SER A 312 -19.12 6.72 28.31
N THR A 313 -19.28 8.00 28.72
CA THR A 313 -19.25 8.34 30.13
C THR A 313 -20.70 8.45 30.63
N PRO A 314 -20.97 8.10 31.91
CA PRO A 314 -22.29 8.33 32.52
C PRO A 314 -22.86 9.74 32.30
N ALA A 315 -22.14 10.80 32.74
CA ALA A 315 -22.70 12.16 32.69
C ALA A 315 -22.60 12.74 31.28
N GLY A 316 -21.49 12.46 30.60
CA GLY A 316 -21.19 13.15 29.37
C GLY A 316 -22.20 12.85 28.28
N ASP A 317 -22.55 11.57 28.17
CA ASP A 317 -23.42 11.12 27.11
C ASP A 317 -24.81 11.71 27.27
N ILE A 318 -25.33 11.73 28.49
CA ILE A 318 -26.67 12.27 28.75
C ILE A 318 -26.68 13.79 28.54
N ALA A 319 -25.62 14.49 28.98
CA ALA A 319 -25.48 15.95 28.80
C ALA A 319 -25.50 16.32 27.32
N GLU A 320 -24.86 15.48 26.49
CA GLU A 320 -24.83 15.73 25.06
C GLU A 320 -26.23 15.59 24.46
N ILE A 321 -27.03 14.62 24.93
CA ILE A 321 -28.40 14.43 24.47
C ILE A 321 -29.23 15.66 24.87
N ALA A 322 -29.09 16.07 26.11
CA ALA A 322 -29.83 17.23 26.58
C ALA A 322 -29.52 18.46 25.70
N ALA A 323 -28.23 18.69 25.39
CA ALA A 323 -27.83 19.80 24.53
C ALA A 323 -28.44 19.71 23.13
N VAL A 324 -28.41 18.53 22.52
CA VAL A 324 -28.95 18.35 21.17
C VAL A 324 -30.45 18.62 21.23
N LYS A 325 -31.14 18.20 22.32
CA LYS A 325 -32.59 18.42 22.42
C LYS A 325 -32.87 19.91 22.49
N SER A 326 -32.10 20.62 23.32
CA SER A 326 -32.23 22.05 23.54
CA SER A 326 -32.26 22.05 23.53
C SER A 326 -32.04 22.83 22.24
N VAL A 327 -30.99 22.49 21.49
CA VAL A 327 -30.63 23.23 20.30
C VAL A 327 -31.60 22.90 19.17
N PHE A 328 -31.94 21.61 19.00
CA PHE A 328 -32.64 21.21 17.79
C PHE A 328 -34.14 21.08 18.02
N GLY A 329 -34.61 21.05 19.27
CA GLY A 329 -36.00 20.81 19.59
C GLY A 329 -36.56 19.57 18.88
N GLU A 330 -37.70 19.73 18.21
CA GLU A 330 -38.38 18.63 17.54
C GLU A 330 -37.50 18.08 16.43
N HIS A 331 -36.64 18.92 15.82
CA HIS A 331 -35.77 18.42 14.79
C HIS A 331 -34.73 17.43 15.35
N ALA A 332 -34.52 17.41 16.67
CA ALA A 332 -33.67 16.42 17.29
C ALA A 332 -34.11 14.98 16.99
N HIS A 333 -35.43 14.76 16.80
CA HIS A 333 -36.04 13.49 16.45
C HIS A 333 -36.02 13.24 14.94
N ALA A 334 -35.47 14.13 14.12
CA ALA A 334 -35.44 13.97 12.66
C ALA A 334 -34.02 13.68 12.15
N LEU A 335 -33.01 14.19 12.84
CA LEU A 335 -31.62 13.99 12.45
C LEU A 335 -31.22 12.60 12.92
N SER A 336 -30.09 12.15 12.42
CA SER A 336 -29.36 11.06 13.00
C SER A 336 -28.13 11.58 13.72
N MET A 337 -27.80 10.94 14.84
CA MET A 337 -26.62 11.27 15.62
C MET A 337 -25.98 9.95 16.00
N SER A 338 -24.67 9.79 15.76
CA SER A 338 -23.99 8.58 16.24
C SER A 338 -22.65 8.93 16.90
N SER A 339 -22.12 7.98 17.70
CA SER A 339 -20.77 8.11 18.20
C SER A 339 -19.91 7.05 17.58
N THR A 340 -18.96 7.53 16.74
CA THR A 340 -17.98 6.60 16.19
C THR A 340 -16.96 6.17 17.24
N LYS A 341 -16.97 6.77 18.44
CA LYS A 341 -16.10 6.31 19.52
C LYS A 341 -16.52 4.92 19.96
N SER A 342 -17.77 4.52 19.68
CA SER A 342 -18.20 3.15 19.94
C SER A 342 -17.25 2.12 19.31
N MET A 343 -16.66 2.48 18.18
CA MET A 343 -15.73 1.63 17.45
C MET A 343 -14.27 2.04 17.65
N THR A 344 -13.97 3.35 17.65
CA THR A 344 -12.60 3.84 17.63
C THR A 344 -12.08 4.02 19.05
N GLY A 345 -12.98 4.09 20.05
CA GLY A 345 -12.59 4.63 21.33
C GLY A 345 -12.31 6.12 21.22
N HIS A 346 -11.74 6.68 22.29
CA HIS A 346 -11.50 8.10 22.45
C HIS A 346 -10.03 8.39 22.11
N LEU A 347 -9.81 9.05 20.97
CA LEU A 347 -8.48 9.46 20.51
C LEU A 347 -8.03 10.82 21.08
N LEU A 348 -8.73 11.35 22.07
CA LEU A 348 -8.26 12.49 22.85
C LEU A 348 -8.02 13.66 21.90
N GLY A 349 -6.81 14.20 21.79
CA GLY A 349 -6.58 15.34 20.94
C GLY A 349 -6.81 15.07 19.44
N ALA A 350 -6.86 13.79 19.02
CA ALA A 350 -7.14 13.43 17.64
C ALA A 350 -8.60 13.11 17.41
N ALA A 351 -9.41 13.03 18.47
CA ALA A 351 -10.78 12.60 18.29
C ALA A 351 -11.54 13.50 17.32
N GLY A 352 -11.46 14.80 17.50
CA GLY A 352 -12.18 15.72 16.59
C GLY A 352 -11.69 15.76 15.15
N ALA A 353 -10.41 15.43 14.96
CA ALA A 353 -9.83 15.37 13.63
C ALA A 353 -10.40 14.15 12.88
N VAL A 354 -10.32 12.95 13.49
CA VAL A 354 -10.85 11.76 12.82
C VAL A 354 -12.38 11.84 12.68
N GLU A 355 -13.05 12.37 13.70
CA GLU A 355 -14.50 12.58 13.62
C GLU A 355 -14.90 13.67 12.61
N ALA A 356 -14.03 14.63 12.31
CA ALA A 356 -14.34 15.58 11.22
C ALA A 356 -14.31 14.82 9.90
N ILE A 357 -13.36 13.87 9.77
CA ILE A 357 -13.20 13.10 8.54
C ILE A 357 -14.41 12.19 8.33
N PHE A 358 -14.84 11.51 9.40
CA PHE A 358 -16.00 10.65 9.36
C PHE A 358 -17.26 11.44 9.01
N SER A 359 -17.39 12.67 9.51
CA SER A 359 -18.44 13.59 9.13
C SER A 359 -18.39 13.96 7.64
N VAL A 360 -17.20 14.25 7.11
CA VAL A 360 -17.08 14.56 5.70
C VAL A 360 -17.48 13.32 4.87
N LEU A 361 -17.01 12.14 5.23
CA LEU A 361 -17.35 10.91 4.52
C LEU A 361 -18.82 10.53 4.66
N ALA A 362 -19.47 10.90 5.78
CA ALA A 362 -20.90 10.70 5.89
C ALA A 362 -21.62 11.52 4.80
N LEU A 363 -21.12 12.73 4.54
CA LEU A 363 -21.68 13.58 3.50
C LEU A 363 -21.38 12.98 2.13
N ARG A 364 -20.12 12.56 1.88
CA ARG A 364 -19.74 11.98 0.61
C ARG A 364 -20.57 10.72 0.29
N ASP A 365 -20.72 9.80 1.24
CA ASP A 365 -21.32 8.49 1.01
C ASP A 365 -22.79 8.44 1.41
N GLN A 366 -23.37 9.53 1.96
CA GLN A 366 -24.78 9.57 2.30
C GLN A 366 -25.13 8.41 3.25
N VAL A 367 -24.50 8.40 4.42
CA VAL A 367 -24.54 7.27 5.33
C VAL A 367 -24.14 7.75 6.74
N ALA A 368 -24.99 7.48 7.72
CA ALA A 368 -24.72 7.73 9.12
C ALA A 368 -24.00 6.50 9.67
N PRO A 369 -22.74 6.61 10.14
CA PRO A 369 -22.06 5.55 10.85
C PRO A 369 -22.84 5.11 12.08
N PRO A 370 -22.68 3.85 12.51
CA PRO A 370 -23.36 3.35 13.70
C PRO A 370 -22.77 3.78 15.03
N THR A 371 -23.63 3.77 16.07
CA THR A 371 -23.19 3.64 17.42
C THR A 371 -23.29 2.14 17.78
N ILE A 372 -22.20 1.40 17.67
CA ILE A 372 -22.22 -0.02 18.07
C ILE A 372 -22.34 -0.11 19.59
N ASN A 373 -22.80 -1.27 20.05
CA ASN A 373 -22.91 -1.65 21.46
C ASN A 373 -24.08 -1.00 22.16
N LEU A 374 -24.94 -0.28 21.42
CA LEU A 374 -26.00 0.48 22.06
C LEU A 374 -27.22 -0.43 22.19
N ASP A 375 -27.18 -1.26 23.24
CA ASP A 375 -28.13 -2.36 23.43
C ASP A 375 -29.37 -1.89 24.21
N ASN A 376 -29.15 -1.12 25.30
CA ASN A 376 -30.20 -0.61 26.15
C ASN A 376 -29.95 0.88 26.34
N PRO A 377 -30.48 1.76 25.45
CA PRO A 377 -30.31 3.21 25.61
C PRO A 377 -30.80 3.67 26.97
N ASP A 378 -30.00 4.53 27.63
CA ASP A 378 -30.33 5.03 28.96
C ASP A 378 -31.58 5.93 28.84
N GLU A 379 -32.19 6.21 30.01
CA GLU A 379 -33.28 7.16 30.22
C GLU A 379 -32.97 8.49 29.53
N GLY A 380 -33.85 8.87 28.58
CA GLY A 380 -33.74 10.11 27.84
C GLY A 380 -33.06 9.98 26.48
N CYS A 381 -32.42 8.81 26.20
CA CYS A 381 -31.65 8.62 24.97
C CYS A 381 -32.53 8.06 23.87
N ASP A 382 -33.54 8.85 23.48
CA ASP A 382 -34.61 8.37 22.61
C ASP A 382 -34.53 9.04 21.24
N LEU A 383 -33.31 9.38 20.82
CA LEU A 383 -33.11 9.91 19.48
C LEU A 383 -32.72 8.78 18.53
N ASP A 384 -32.61 9.10 17.24
CA ASP A 384 -32.02 8.19 16.30
C ASP A 384 -30.51 8.20 16.55
N LEU A 385 -30.03 7.23 17.36
CA LEU A 385 -28.63 7.07 17.68
C LEU A 385 -27.92 6.05 16.79
N VAL A 386 -28.58 5.68 15.67
CA VAL A 386 -28.01 4.77 14.70
C VAL A 386 -27.44 3.53 15.39
N ALA A 387 -28.20 2.97 16.34
CA ALA A 387 -27.76 1.79 17.09
C ALA A 387 -27.35 0.67 16.14
N HIS A 388 -26.14 0.12 16.33
CA HIS A 388 -25.73 -1.18 15.79
C HIS A 388 -25.24 -1.18 14.36
N GLU A 389 -25.91 -0.48 13.42
CA GLU A 389 -25.58 -0.67 12.02
C GLU A 389 -25.71 0.65 11.28
N ALA A 390 -24.80 0.85 10.31
CA ALA A 390 -24.78 2.07 9.50
C ALA A 390 -26.15 2.25 8.85
N LYS A 391 -26.57 3.49 8.64
CA LYS A 391 -27.88 3.85 8.15
C LYS A 391 -27.72 4.76 6.93
N PRO A 392 -27.98 4.27 5.68
CA PRO A 392 -28.01 5.14 4.50
C PRO A 392 -29.05 6.23 4.72
N ARG A 393 -28.70 7.49 4.46
CA ARG A 393 -29.72 8.53 4.47
C ARG A 393 -29.20 9.80 3.79
N LYS A 394 -30.16 10.71 3.53
CA LYS A 394 -29.86 12.05 3.01
C LYS A 394 -29.08 12.86 4.07
N ILE A 395 -27.89 13.32 3.69
CA ILE A 395 -27.07 14.19 4.55
C ILE A 395 -26.55 15.33 3.68
N ASP A 396 -27.10 16.54 3.84
CA ASP A 396 -26.58 17.76 3.23
C ASP A 396 -25.67 18.51 4.20
N VAL A 397 -25.98 18.46 5.52
CA VAL A 397 -25.19 19.13 6.55
C VAL A 397 -24.83 18.14 7.64
N ALA A 398 -23.54 18.07 8.02
CA ALA A 398 -23.10 17.28 9.16
C ALA A 398 -22.40 18.17 10.20
N LEU A 399 -22.59 17.84 11.49
CA LEU A 399 -22.08 18.56 12.62
C LEU A 399 -21.23 17.59 13.43
N SER A 400 -20.09 18.07 13.93
CA SER A 400 -19.19 17.25 14.74
C SER A 400 -18.87 18.03 16.02
N ASN A 401 -19.06 17.40 17.17
CA ASN A 401 -18.84 17.97 18.48
C ASN A 401 -17.60 17.38 19.16
N SER A 402 -16.89 18.23 19.91
CA SER A 402 -15.91 17.75 20.85
C SER A 402 -16.00 18.61 22.12
N PHE A 403 -15.85 17.94 23.26
CA PHE A 403 -15.91 18.51 24.59
C PHE A 403 -14.70 17.96 25.35
N GLY A 404 -14.02 18.82 26.08
CA GLY A 404 -12.80 18.40 26.76
C GLY A 404 -12.75 18.86 28.22
N PHE A 405 -11.82 18.22 28.96
CA PHE A 405 -11.48 18.64 30.30
C PHE A 405 -11.24 20.14 30.31
N GLY A 406 -11.78 20.82 31.35
CA GLY A 406 -11.72 22.26 31.45
C GLY A 406 -13.03 22.91 30.98
N GLY A 407 -13.93 22.08 30.41
CA GLY A 407 -15.19 22.54 29.89
C GLY A 407 -15.04 23.26 28.58
N THR A 408 -13.99 22.92 27.83
CA THR A 408 -13.75 23.57 26.56
C THR A 408 -14.48 22.80 25.46
N ASN A 409 -15.19 23.51 24.59
CA ASN A 409 -16.12 22.90 23.65
C ASN A 409 -15.88 23.47 22.26
N GLY A 410 -16.09 22.62 21.27
CA GLY A 410 -15.89 22.89 19.88
C GLY A 410 -16.92 22.15 19.03
N THR A 411 -17.47 22.84 18.01
CA THR A 411 -18.37 22.22 17.05
C THR A 411 -17.98 22.69 15.65
N LEU A 412 -17.95 21.76 14.71
CA LEU A 412 -17.74 22.07 13.30
C LEU A 412 -18.97 21.67 12.51
N VAL A 413 -19.29 22.46 11.49
CA VAL A 413 -20.40 22.21 10.59
C VAL A 413 -19.85 22.10 9.17
N PHE A 414 -20.19 20.98 8.52
CA PHE A 414 -19.75 20.68 7.16
C PHE A 414 -20.98 20.60 6.27
N ARG A 415 -20.84 21.05 5.01
CA ARG A 415 -21.97 21.08 4.06
C ARG A 415 -21.51 20.42 2.77
N ARG A 416 -22.44 19.60 2.21
CA ARG A 416 -22.18 18.92 0.95
C ARG A 416 -21.70 19.92 -0.10
N PHE A 417 -20.64 19.50 -0.80
CA PHE A 417 -20.04 20.16 -1.97
C PHE A 417 -19.12 19.13 -2.63
N MET B 6 -6.81 -27.81 -36.58
CA MET B 6 -5.71 -26.81 -36.55
C MET B 6 -4.42 -27.48 -37.06
N SER B 7 -3.62 -26.71 -37.81
CA SER B 7 -2.52 -27.18 -38.64
C SER B 7 -1.17 -26.59 -38.18
N ARG B 8 -1.00 -26.26 -36.89
CA ARG B 8 0.19 -25.59 -36.41
C ARG B 8 1.44 -26.49 -36.46
N ARG B 9 2.62 -25.87 -36.59
CA ARG B 9 3.86 -26.57 -36.32
C ARG B 9 4.11 -26.63 -34.82
N ARG B 10 4.85 -27.69 -34.39
CA ARG B 10 5.20 -27.89 -32.99
C ARG B 10 6.49 -27.16 -32.66
N VAL B 11 6.57 -26.72 -31.41
CA VAL B 11 7.60 -25.78 -30.99
C VAL B 11 8.28 -26.36 -29.78
N VAL B 12 9.61 -26.35 -29.80
CA VAL B 12 10.44 -26.89 -28.71
C VAL B 12 11.52 -25.89 -28.31
N ILE B 13 12.09 -26.13 -27.13
CA ILE B 13 13.09 -25.29 -26.51
C ILE B 13 14.43 -25.96 -26.74
N THR B 14 15.33 -25.30 -27.47
CA THR B 14 16.65 -25.86 -27.74
C THR B 14 17.79 -25.07 -27.10
N GLY B 15 17.52 -23.93 -26.41
CA GLY B 15 18.60 -23.17 -25.78
C GLY B 15 18.04 -22.27 -24.68
N MET B 16 18.78 -22.10 -23.57
CA MET B 16 18.29 -21.23 -22.50
C MET B 16 19.44 -20.40 -21.93
N GLY B 17 19.08 -19.24 -21.40
CA GLY B 17 20.07 -18.35 -20.78
C GLY B 17 19.40 -17.44 -19.76
N MET B 18 20.14 -17.11 -18.68
CA MET B 18 19.65 -16.15 -17.73
C MET B 18 20.74 -15.43 -16.96
N LEU B 19 20.36 -14.23 -16.50
CA LEU B 19 20.90 -13.62 -15.31
C LEU B 19 19.77 -13.55 -14.29
N SER B 20 20.06 -13.93 -13.05
CA SER B 20 19.13 -13.79 -11.95
C SER B 20 19.86 -13.37 -10.68
N PRO B 21 19.13 -13.09 -9.59
CA PRO B 21 19.78 -12.95 -8.28
C PRO B 21 20.44 -14.20 -7.69
N LEU B 22 20.22 -15.37 -8.31
CA LEU B 22 20.83 -16.63 -7.87
C LEU B 22 22.02 -17.04 -8.76
N GLY B 23 22.28 -16.35 -9.87
CA GLY B 23 23.39 -16.79 -10.70
C GLY B 23 23.53 -16.00 -11.99
N LEU B 24 24.75 -16.05 -12.56
CA LEU B 24 25.02 -15.41 -13.84
C LEU B 24 24.74 -16.30 -15.05
N ASP B 25 24.23 -17.53 -14.83
CA ASP B 25 23.80 -18.40 -15.90
C ASP B 25 22.66 -19.28 -15.41
N VAL B 26 22.16 -20.16 -16.30
CA VAL B 26 21.10 -21.09 -15.96
C VAL B 26 21.57 -22.08 -14.91
N PRO B 27 22.68 -22.83 -15.11
CA PRO B 27 23.08 -23.88 -14.14
C PRO B 27 23.27 -23.42 -12.70
N SER B 28 23.92 -22.26 -12.50
CA SER B 28 24.11 -21.68 -11.17
C SER B 28 22.79 -21.19 -10.54
N SER B 29 21.90 -20.60 -11.34
CA SER B 29 20.57 -20.22 -10.87
C SER B 29 19.77 -21.42 -10.37
N TRP B 30 19.68 -22.45 -11.23
CA TRP B 30 18.94 -23.68 -10.94
C TRP B 30 19.46 -24.40 -9.69
N GLU B 31 20.81 -24.41 -9.52
CA GLU B 31 21.43 -24.94 -8.30
C GLU B 31 20.88 -24.24 -7.05
N GLY B 32 20.90 -22.90 -7.08
CA GLY B 32 20.31 -22.10 -6.03
C GLY B 32 18.84 -22.43 -5.81
N ILE B 33 18.04 -22.50 -6.90
CA ILE B 33 16.61 -22.80 -6.80
C ILE B 33 16.41 -24.13 -6.06
N LEU B 34 17.10 -25.17 -6.51
CA LEU B 34 16.96 -26.51 -5.91
C LEU B 34 17.49 -26.61 -4.49
N ALA B 35 18.41 -25.74 -4.08
CA ALA B 35 18.89 -25.72 -2.69
C ALA B 35 17.99 -24.85 -1.80
N GLY B 36 16.99 -24.15 -2.34
CA GLY B 36 16.20 -23.27 -1.49
C GLY B 36 16.96 -22.01 -1.04
N ARG B 37 17.94 -21.56 -1.83
CA ARG B 37 18.74 -20.39 -1.50
C ARG B 37 17.96 -19.13 -1.93
N SER B 38 18.05 -18.10 -1.08
CA SER B 38 17.57 -16.77 -1.38
C SER B 38 18.65 -16.02 -2.15
N GLY B 39 18.23 -15.23 -3.14
CA GLY B 39 19.08 -14.27 -3.83
C GLY B 39 18.86 -12.83 -3.38
N ILE B 40 18.17 -12.62 -2.25
CA ILE B 40 17.72 -11.29 -1.89
C ILE B 40 18.70 -10.79 -0.84
N ALA B 41 19.15 -9.53 -0.98
CA ALA B 41 20.08 -8.96 -0.02
C ALA B 41 19.86 -7.46 0.04
N PRO B 42 20.49 -6.78 1.02
CA PRO B 42 20.55 -5.32 0.98
C PRO B 42 21.17 -4.86 -0.35
N ILE B 43 20.60 -3.83 -0.96
CA ILE B 43 21.12 -3.29 -2.20
C ILE B 43 22.36 -2.47 -1.89
N GLU B 44 23.46 -2.73 -2.61
CA GLU B 44 24.76 -2.15 -2.32
C GLU B 44 25.10 -1.05 -3.32
N HIS B 45 24.56 -1.10 -4.54
CA HIS B 45 25.00 -0.19 -5.60
C HIS B 45 24.49 1.25 -5.39
N MET B 46 23.62 1.51 -4.39
CA MET B 46 23.14 2.84 -4.08
C MET B 46 22.81 3.01 -2.59
N ASP B 47 22.80 4.29 -2.16
CA ASP B 47 22.46 4.73 -0.81
C ASP B 47 20.93 4.82 -0.69
N LEU B 48 20.31 3.78 -0.11
CA LEU B 48 18.86 3.72 0.02
C LEU B 48 18.41 3.97 1.47
N SER B 49 19.17 4.76 2.26
CA SER B 49 18.91 4.86 3.70
C SER B 49 17.59 5.58 3.97
N ALA B 50 17.20 6.50 3.09
CA ALA B 50 15.91 7.18 3.11
C ALA B 50 14.74 6.38 2.51
N TYR B 51 14.95 5.12 2.08
CA TYR B 51 13.87 4.37 1.43
C TYR B 51 13.25 3.41 2.44
N SER B 52 12.00 3.03 2.16
CA SER B 52 11.26 2.14 3.03
C SER B 52 11.61 0.70 2.70
N THR B 53 12.15 0.46 1.49
CA THR B 53 12.63 -0.84 1.09
C THR B 53 14.06 -0.62 0.60
N ARG B 54 15.00 -1.38 1.15
CA ARG B 54 16.41 -1.15 0.86
C ARG B 54 17.10 -2.47 0.50
N PHE B 55 16.33 -3.44 0.01
CA PHE B 55 16.82 -4.76 -0.34
C PHE B 55 16.08 -5.20 -1.61
N GLY B 56 16.58 -6.28 -2.23
CA GLY B 56 16.04 -6.75 -3.47
C GLY B 56 16.94 -7.81 -4.07
N GLY B 57 16.58 -8.32 -5.24
CA GLY B 57 17.42 -9.33 -5.90
C GLY B 57 18.25 -8.65 -6.98
N SER B 58 19.54 -8.47 -6.71
CA SER B 58 20.51 -7.89 -7.61
C SER B 58 21.17 -8.99 -8.42
N VAL B 59 21.63 -8.63 -9.63
CA VAL B 59 22.51 -9.49 -10.42
C VAL B 59 23.90 -9.16 -9.92
N LYS B 60 24.60 -10.16 -9.37
CA LYS B 60 25.82 -9.91 -8.58
C LYS B 60 27.01 -10.36 -9.40
N GLY B 61 27.95 -9.45 -9.70
CA GLY B 61 29.21 -9.80 -10.37
C GLY B 61 29.13 -9.93 -11.89
N PHE B 62 28.09 -9.34 -12.50
CA PHE B 62 27.89 -9.42 -13.94
C PHE B 62 28.97 -8.61 -14.64
N ASN B 63 29.61 -9.21 -15.63
CA ASN B 63 30.54 -8.48 -16.47
C ASN B 63 30.00 -8.45 -17.90
N VAL B 64 29.49 -7.29 -18.35
CA VAL B 64 28.97 -7.13 -19.70
C VAL B 64 30.07 -7.42 -20.74
N GLU B 65 31.34 -7.21 -20.37
CA GLU B 65 32.51 -7.42 -21.24
C GLU B 65 32.74 -8.91 -21.57
N GLU B 66 32.12 -9.86 -20.86
CA GLU B 66 32.00 -11.24 -21.33
C GLU B 66 31.21 -11.33 -22.64
N TYR B 67 30.31 -10.39 -22.94
CA TYR B 67 29.42 -10.48 -24.09
C TYR B 67 29.69 -9.44 -25.17
N LEU B 68 30.07 -8.23 -24.77
CA LEU B 68 30.10 -7.06 -25.67
C LEU B 68 31.47 -6.42 -25.54
N SER B 69 31.88 -5.64 -26.56
CA SER B 69 32.97 -4.69 -26.37
C SER B 69 32.52 -3.60 -25.40
N ALA B 70 33.46 -2.95 -24.72
CA ALA B 70 33.10 -1.84 -23.86
C ALA B 70 32.43 -0.72 -24.66
N LYS B 71 32.92 -0.43 -25.88
CA LYS B 71 32.40 0.58 -26.77
C LYS B 71 30.90 0.36 -27.06
N GLU B 72 30.53 -0.87 -27.48
CA GLU B 72 29.13 -1.27 -27.67
C GLU B 72 28.32 -1.16 -26.36
N ALA B 73 28.89 -1.64 -25.25
CA ALA B 73 28.19 -1.81 -23.99
C ALA B 73 27.77 -0.48 -23.37
N ARG B 74 28.66 0.52 -23.48
CA ARG B 74 28.40 1.85 -22.94
C ARG B 74 27.28 2.56 -23.71
N LYS B 75 26.87 2.07 -24.88
CA LYS B 75 25.69 2.63 -25.54
C LYS B 75 24.38 2.20 -24.87
N LEU B 76 24.37 1.18 -23.98
CA LEU B 76 23.16 0.42 -23.67
C LEU B 76 22.86 0.49 -22.18
N ASP B 77 21.59 0.75 -21.86
CA ASP B 77 21.09 0.59 -20.49
C ASP B 77 21.34 -0.83 -19.98
N LEU B 78 21.49 -0.94 -18.67
CA LEU B 78 21.66 -2.21 -18.00
C LEU B 78 20.58 -3.24 -18.38
N PHE B 79 19.30 -2.85 -18.60
CA PHE B 79 18.31 -3.86 -18.96
C PHE B 79 18.65 -4.49 -20.30
N ILE B 80 19.23 -3.72 -21.20
CA ILE B 80 19.58 -4.21 -22.52
C ILE B 80 20.78 -5.14 -22.43
N GLN B 81 21.78 -4.69 -21.66
CA GLN B 81 22.90 -5.54 -21.29
C GLN B 81 22.43 -6.86 -20.77
N TYR B 82 21.45 -6.87 -19.85
CA TYR B 82 21.01 -8.11 -19.21
C TYR B 82 20.30 -9.00 -20.22
N GLY B 83 19.49 -8.38 -21.09
CA GLY B 83 18.76 -9.08 -22.13
C GLY B 83 19.68 -9.72 -23.18
N LEU B 84 20.73 -8.98 -23.55
CA LEU B 84 21.70 -9.54 -24.48
C LEU B 84 22.47 -10.71 -23.87
N ALA B 85 22.83 -10.60 -22.58
CA ALA B 85 23.59 -11.65 -21.92
C ALA B 85 22.81 -12.96 -21.93
N ALA B 86 21.54 -12.92 -21.48
CA ALA B 86 20.67 -14.10 -21.50
C ALA B 86 20.51 -14.64 -22.94
N SER B 87 20.33 -13.75 -23.91
CA SER B 87 20.10 -14.13 -25.29
C SER B 87 21.34 -14.81 -25.88
N PHE B 88 22.50 -14.17 -25.73
CA PHE B 88 23.72 -14.78 -26.22
C PHE B 88 23.97 -16.16 -25.55
N GLN B 89 23.63 -16.30 -24.28
CA GLN B 89 23.77 -17.59 -23.61
C GLN B 89 22.85 -18.60 -24.26
N ALA B 90 21.60 -18.19 -24.54
CA ALA B 90 20.62 -19.11 -25.09
C ALA B 90 21.03 -19.55 -26.48
N VAL B 91 21.47 -18.60 -27.31
CA VAL B 91 21.89 -18.93 -28.67
C VAL B 91 23.06 -19.93 -28.63
N ARG B 92 24.08 -19.62 -27.83
CA ARG B 92 25.24 -20.51 -27.72
C ARG B 92 24.79 -21.89 -27.25
N ASP B 93 23.97 -21.93 -26.22
CA ASP B 93 23.41 -23.16 -25.67
C ASP B 93 22.67 -23.98 -26.74
N SER B 94 21.98 -23.30 -27.66
CA SER B 94 21.26 -23.94 -28.74
C SER B 94 22.18 -24.63 -29.74
N GLY B 95 23.40 -24.13 -29.92
CA GLY B 95 24.34 -24.62 -30.90
C GLY B 95 23.98 -24.25 -32.34
N LEU B 96 23.01 -23.32 -32.51
CA LEU B 96 22.46 -22.95 -33.81
C LEU B 96 23.53 -22.11 -34.51
N GLU B 97 23.61 -22.25 -35.83
CA GLU B 97 24.48 -21.43 -36.64
C GLU B 97 23.59 -20.62 -37.57
N VAL B 98 23.84 -19.31 -37.60
CA VAL B 98 23.15 -18.35 -38.45
C VAL B 98 23.91 -18.24 -39.77
N THR B 99 23.20 -18.47 -40.88
CA THR B 99 23.75 -18.40 -42.22
C THR B 99 22.84 -17.52 -43.09
N ASP B 100 23.32 -17.21 -44.30
CA ASP B 100 22.54 -16.60 -45.37
C ASP B 100 21.30 -17.44 -45.73
N ALA B 101 21.36 -18.77 -45.59
CA ALA B 101 20.23 -19.63 -45.83
C ALA B 101 19.13 -19.49 -44.76
N ASN B 102 19.46 -19.26 -43.48
CA ASN B 102 18.43 -19.33 -42.43
C ASN B 102 18.16 -17.97 -41.77
N ARG B 103 19.00 -16.95 -41.98
CA ARG B 103 18.98 -15.74 -41.15
C ARG B 103 17.62 -15.01 -41.18
N GLU B 104 16.85 -15.09 -42.27
CA GLU B 104 15.53 -14.48 -42.35
C GLU B 104 14.46 -15.28 -41.61
N ARG B 105 14.77 -16.52 -41.22
CA ARG B 105 13.88 -17.39 -40.49
C ARG B 105 14.14 -17.35 -38.99
N ILE B 106 15.08 -16.51 -38.52
CA ILE B 106 15.44 -16.45 -37.10
C ILE B 106 15.15 -15.05 -36.60
N GLY B 107 14.20 -14.92 -35.67
CA GLY B 107 13.78 -13.62 -35.12
C GLY B 107 14.01 -13.52 -33.61
N VAL B 108 13.60 -12.38 -33.06
CA VAL B 108 13.76 -12.06 -31.65
C VAL B 108 12.53 -11.33 -31.13
N SER B 109 12.12 -11.71 -29.92
CA SER B 109 11.14 -11.04 -29.13
C SER B 109 11.55 -11.03 -27.66
N MET B 110 12.35 -10.03 -27.29
CA MET B 110 12.86 -9.83 -25.94
C MET B 110 12.22 -8.56 -25.40
N GLY B 111 11.50 -8.69 -24.28
CA GLY B 111 10.67 -7.60 -23.78
C GLY B 111 11.22 -7.03 -22.48
N SER B 112 10.62 -5.90 -22.07
CA SER B 112 10.82 -5.37 -20.73
C SER B 112 9.54 -4.70 -20.25
N GLY B 113 9.32 -4.77 -18.93
CA GLY B 113 8.21 -4.07 -18.32
C GLY B 113 8.42 -2.55 -18.26
N ILE B 114 9.52 -2.16 -17.62
CA ILE B 114 9.82 -0.77 -17.29
C ILE B 114 10.92 -0.21 -18.23
N GLY B 115 11.81 -1.05 -18.75
CA GLY B 115 12.82 -0.61 -19.70
C GLY B 115 13.89 0.21 -18.99
N GLY B 116 14.36 1.30 -19.63
CA GLY B 116 15.66 1.88 -19.37
C GLY B 116 15.62 2.94 -18.27
N LEU B 117 15.13 2.53 -17.11
CA LEU B 117 14.81 3.47 -16.02
C LEU B 117 16.07 4.14 -15.52
N THR B 118 17.16 3.36 -15.35
CA THR B 118 18.48 3.85 -14.94
C THR B 118 19.03 4.92 -15.89
N ASN B 119 19.01 4.63 -17.19
CA ASN B 119 19.48 5.60 -18.17
C ASN B 119 18.63 6.86 -18.12
N ILE B 120 17.30 6.70 -17.97
CA ILE B 120 16.42 7.85 -17.96
C ILE B 120 16.75 8.74 -16.76
N GLU B 121 16.93 8.14 -15.58
CA GLU B 121 17.36 8.82 -14.36
C GLU B 121 18.62 9.63 -14.63
N ASN B 122 19.69 8.99 -15.14
CA ASN B 122 20.96 9.64 -15.40
C ASN B 122 20.77 10.79 -16.37
N ASN B 123 20.04 10.55 -17.46
CA ASN B 123 19.89 11.56 -18.48
C ASN B 123 19.02 12.72 -18.01
N CYS B 124 18.02 12.42 -17.16
CA CYS B 124 17.14 13.42 -16.60
C CYS B 124 17.92 14.38 -15.68
N ARG B 125 18.80 13.79 -14.87
CA ARG B 125 19.70 14.50 -13.98
C ARG B 125 20.62 15.42 -14.80
N SER B 126 21.25 14.91 -15.88
CA SER B 126 22.03 15.74 -16.76
C SER B 126 21.17 16.85 -17.35
N LEU B 127 19.93 16.52 -17.77
CA LEU B 127 19.09 17.55 -18.36
C LEU B 127 18.83 18.68 -17.35
N PHE B 128 18.53 18.34 -16.08
CA PHE B 128 18.07 19.33 -15.11
C PHE B 128 19.24 20.15 -14.56
N GLU B 129 20.39 19.53 -14.37
CA GLU B 129 21.54 20.16 -13.75
C GLU B 129 22.29 20.98 -14.79
N GLN B 130 22.45 20.42 -15.99
CA GLN B 130 23.33 21.02 -17.00
C GLN B 130 22.52 21.52 -18.20
N GLY B 131 21.62 20.71 -18.76
CA GLY B 131 20.85 21.14 -19.92
C GLY B 131 20.86 20.08 -21.01
N PRO B 132 20.07 20.28 -22.09
CA PRO B 132 19.75 19.22 -23.04
C PRO B 132 20.97 18.71 -23.80
N ARG B 133 22.06 19.51 -23.89
CA ARG B 133 23.27 19.08 -24.59
C ARG B 133 24.13 18.14 -23.74
N ARG B 134 23.75 17.88 -22.49
CA ARG B 134 24.40 16.79 -21.73
C ARG B 134 23.62 15.47 -21.79
N ILE B 135 22.56 15.40 -22.59
CA ILE B 135 21.93 14.12 -22.87
C ILE B 135 22.86 13.31 -23.78
N SER B 136 23.05 12.02 -23.46
CA SER B 136 23.85 11.19 -24.34
C SER B 136 23.21 11.13 -25.72
N PRO B 137 23.98 11.13 -26.83
CA PRO B 137 23.47 10.76 -28.15
C PRO B 137 22.88 9.36 -28.27
N PHE B 138 23.28 8.43 -27.36
CA PHE B 138 22.78 7.07 -27.30
C PHE B 138 21.58 6.93 -26.37
N PHE B 139 21.09 8.03 -25.77
CA PHE B 139 20.02 7.90 -24.79
C PHE B 139 18.80 7.20 -25.40
N VAL B 140 18.32 7.66 -26.57
CA VAL B 140 17.14 7.06 -27.16
C VAL B 140 17.42 5.62 -27.58
N PRO B 141 18.37 5.30 -28.47
CA PRO B 141 18.50 3.92 -28.96
C PRO B 141 18.98 2.98 -27.87
N GLY B 142 19.71 3.51 -26.86
CA GLY B 142 20.21 2.74 -25.75
C GLY B 142 19.26 2.53 -24.59
N SER B 143 18.05 3.11 -24.63
CA SER B 143 17.10 3.03 -23.52
C SER B 143 15.72 2.50 -23.92
N ILE B 144 15.41 2.43 -25.21
CA ILE B 144 14.12 1.92 -25.69
C ILE B 144 14.12 0.38 -25.58
N ILE B 145 12.94 -0.15 -25.25
CA ILE B 145 12.76 -1.55 -24.90
C ILE B 145 13.09 -2.50 -26.06
N ASN B 146 12.80 -2.12 -27.30
CA ASN B 146 13.03 -3.01 -28.43
C ASN B 146 14.50 -3.11 -28.79
N MET B 147 15.43 -2.44 -28.07
CA MET B 147 16.83 -2.53 -28.44
C MET B 147 17.49 -3.85 -27.98
N VAL B 148 16.86 -4.67 -27.14
CA VAL B 148 17.44 -6.01 -26.95
C VAL B 148 17.30 -6.78 -28.25
N SER B 149 16.03 -6.83 -28.75
CA SER B 149 15.73 -7.45 -30.03
C SER B 149 16.61 -6.83 -31.11
N GLY B 150 16.73 -5.49 -31.07
CA GLY B 150 17.45 -4.77 -32.12
C GLY B 150 18.94 -5.12 -32.14
N PHE B 151 19.63 -4.92 -31.00
CA PHE B 151 21.05 -5.18 -30.91
C PHE B 151 21.36 -6.67 -31.02
N LEU B 152 20.54 -7.57 -30.47
CA LEU B 152 20.77 -8.99 -30.72
C LEU B 152 20.80 -9.32 -32.21
N SER B 153 19.83 -8.76 -32.96
CA SER B 153 19.70 -9.04 -34.38
C SER B 153 20.91 -8.49 -35.15
N ILE B 154 21.40 -7.31 -34.73
CA ILE B 154 22.56 -6.68 -35.34
C ILE B 154 23.79 -7.54 -35.10
N HIS B 155 24.04 -7.90 -33.83
CA HIS B 155 25.19 -8.71 -33.45
C HIS B 155 25.24 -10.05 -34.20
N LEU B 156 24.10 -10.73 -34.36
CA LEU B 156 24.06 -12.10 -34.84
C LEU B 156 23.55 -12.21 -36.27
N GLY B 157 23.12 -11.08 -36.86
CA GLY B 157 22.62 -11.08 -38.23
C GLY B 157 21.24 -11.72 -38.39
N LEU B 158 20.34 -11.49 -37.43
CA LEU B 158 19.02 -12.11 -37.48
C LEU B 158 18.07 -11.17 -38.22
N GLN B 159 17.44 -11.66 -39.29
CA GLN B 159 16.59 -10.85 -40.11
C GLN B 159 15.14 -11.24 -40.01
N GLY B 160 14.79 -12.18 -39.13
CA GLY B 160 13.39 -12.55 -38.98
C GLY B 160 12.56 -11.52 -38.22
N PRO B 161 11.33 -11.91 -37.78
CA PRO B 161 10.48 -10.99 -37.03
C PRO B 161 11.27 -10.46 -35.82
N ASN B 162 11.21 -9.15 -35.68
CA ASN B 162 11.98 -8.40 -34.71
C ASN B 162 11.03 -7.47 -33.95
N TYR B 163 10.75 -7.77 -32.67
CA TYR B 163 9.81 -6.95 -31.93
C TYR B 163 10.03 -7.13 -30.43
N ALA B 164 9.24 -6.37 -29.67
CA ALA B 164 9.30 -6.38 -28.21
C ALA B 164 7.91 -6.11 -27.62
N LEU B 165 7.59 -6.88 -26.60
CA LEU B 165 6.37 -6.79 -25.82
C LEU B 165 6.73 -5.96 -24.59
N THR B 166 5.72 -5.27 -24.02
CA THR B 166 5.87 -4.64 -22.73
C THR B 166 4.52 -4.78 -22.03
N THR B 167 4.39 -5.82 -21.22
CA THR B 167 3.14 -6.06 -20.50
C THR B 167 3.48 -6.28 -19.04
N ALA B 168 4.29 -5.35 -18.49
CA ALA B 168 4.54 -5.31 -17.07
C ALA B 168 5.10 -6.68 -16.63
N ALA B 169 4.57 -7.28 -15.53
CA ALA B 169 5.13 -8.54 -15.06
C ALA B 169 4.78 -9.73 -15.98
N THR B 170 3.96 -9.51 -17.02
CA THR B 170 3.56 -10.59 -17.90
C THR B 170 4.44 -10.62 -19.14
N THR B 171 5.33 -9.62 -19.30
CA THR B 171 6.14 -9.45 -20.51
C THR B 171 6.86 -10.71 -20.96
N GLY B 172 7.57 -11.37 -20.04
CA GLY B 172 8.40 -12.49 -20.41
C GLY B 172 7.57 -13.68 -20.92
N THR B 173 6.41 -13.92 -20.27
CA THR B 173 5.48 -14.97 -20.66
C THR B 173 4.87 -14.67 -22.02
N HIS B 174 4.41 -13.44 -22.27
CA HIS B 174 3.87 -13.06 -23.58
C HIS B 174 4.92 -13.12 -24.68
N SER B 175 6.17 -12.75 -24.35
CA SER B 175 7.26 -12.75 -25.31
C SER B 175 7.50 -14.16 -25.81
N ILE B 176 7.50 -15.13 -24.90
CA ILE B 176 7.69 -16.51 -25.24
C ILE B 176 6.48 -17.04 -26.02
N GLY B 177 5.29 -16.90 -25.47
CA GLY B 177 4.06 -17.33 -26.12
C GLY B 177 3.92 -16.82 -27.56
N MET B 178 4.16 -15.53 -27.78
CA MET B 178 3.92 -14.96 -29.10
C MET B 178 5.05 -15.33 -30.07
N ALA B 179 6.27 -15.47 -29.56
CA ALA B 179 7.34 -16.03 -30.39
C ALA B 179 7.01 -17.47 -30.83
N ALA B 180 6.40 -18.27 -29.97
CA ALA B 180 6.07 -19.64 -30.28
C ALA B 180 4.99 -19.67 -31.35
N ARG B 181 4.01 -18.76 -31.24
CA ARG B 181 3.01 -18.57 -32.27
C ARG B 181 3.66 -18.28 -33.63
N ASN B 182 4.69 -17.45 -33.61
CA ASN B 182 5.40 -17.10 -34.82
C ASN B 182 5.89 -18.33 -35.54
N ILE B 183 6.47 -19.23 -34.77
CA ILE B 183 7.02 -20.45 -35.33
C ILE B 183 5.89 -21.38 -35.76
N ALA B 184 4.86 -21.53 -34.93
CA ALA B 184 3.78 -22.46 -35.16
C ALA B 184 3.00 -22.13 -36.45
N TYR B 185 2.82 -20.83 -36.73
CA TYR B 185 2.15 -20.34 -37.93
C TYR B 185 3.14 -20.00 -39.05
N GLY B 186 4.41 -20.35 -38.90
CA GLY B 186 5.36 -20.43 -40.00
C GLY B 186 5.98 -19.09 -40.38
N GLU B 187 5.86 -18.07 -39.51
CA GLU B 187 6.44 -16.76 -39.74
C GLU B 187 7.94 -16.78 -39.44
N ALA B 188 8.43 -17.82 -38.74
CA ALA B 188 9.84 -17.97 -38.44
C ALA B 188 10.08 -19.43 -38.10
N ASP B 189 11.33 -19.87 -38.19
CA ASP B 189 11.69 -21.22 -37.76
C ASP B 189 12.31 -21.23 -36.38
N VAL B 190 12.86 -20.11 -35.96
CA VAL B 190 13.56 -19.98 -34.70
C VAL B 190 13.27 -18.60 -34.14
N MET B 191 13.02 -18.51 -32.83
CA MET B 191 12.90 -17.22 -32.14
C MET B 191 13.66 -17.27 -30.83
N VAL B 192 14.38 -16.18 -30.57
CA VAL B 192 14.93 -15.86 -29.25
C VAL B 192 13.93 -14.96 -28.54
N ALA B 193 13.47 -15.43 -27.38
CA ALA B 193 12.36 -14.84 -26.68
C ALA B 193 12.57 -14.89 -25.18
N GLY B 194 11.95 -13.90 -24.51
CA GLY B 194 12.10 -13.77 -23.09
C GLY B 194 12.01 -12.31 -22.70
N GLY B 195 12.78 -11.96 -21.68
CA GLY B 195 12.70 -10.61 -21.16
C GLY B 195 13.82 -10.30 -20.19
N SER B 196 13.89 -9.01 -19.87
CA SER B 196 14.91 -8.49 -18.98
C SER B 196 14.39 -7.25 -18.26
N GLU B 197 15.02 -6.98 -17.11
CA GLU B 197 14.61 -5.88 -16.27
C GLU B 197 15.77 -5.47 -15.37
N MET B 198 15.88 -4.17 -15.19
CA MET B 198 16.81 -3.61 -14.24
C MET B 198 16.15 -2.32 -13.72
N ALA B 199 15.35 -2.47 -12.66
CA ALA B 199 14.60 -1.33 -12.13
C ALA B 199 15.15 -0.91 -10.77
N ALA B 200 16.21 -1.56 -10.25
CA ALA B 200 16.78 -1.23 -8.95
C ALA B 200 17.57 0.07 -9.04
N CYS B 201 16.85 1.15 -9.35
CA CYS B 201 17.29 2.53 -9.21
C CYS B 201 16.29 3.21 -8.29
N GLY B 202 16.47 4.52 -8.05
CA GLY B 202 15.60 5.26 -7.15
C GLY B 202 14.17 5.41 -7.68
N LEU B 203 14.02 5.69 -8.98
CA LEU B 203 12.70 5.75 -9.60
C LEU B 203 11.93 4.43 -9.45
N GLY B 204 12.62 3.28 -9.58
CA GLY B 204 12.03 1.97 -9.46
C GLY B 204 11.59 1.64 -8.03
N LEU B 205 12.52 1.75 -7.08
CA LEU B 205 12.23 1.44 -5.68
C LEU B 205 11.25 2.48 -5.15
N GLY B 206 11.49 3.74 -5.49
CA GLY B 206 10.62 4.83 -5.18
C GLY B 206 9.20 4.64 -5.70
N GLY B 207 9.12 4.28 -6.99
CA GLY B 207 7.87 4.11 -7.71
C GLY B 207 7.05 2.96 -7.15
N PHE B 208 7.71 1.80 -6.97
CA PHE B 208 7.01 0.64 -6.44
C PHE B 208 6.69 0.83 -4.96
N GLY B 209 7.59 1.52 -4.23
CA GLY B 209 7.37 1.94 -2.85
C GLY B 209 6.15 2.85 -2.69
N ALA B 210 6.05 3.89 -3.54
CA ALA B 210 4.93 4.80 -3.52
C ALA B 210 3.64 4.06 -3.85
N ALA B 211 3.68 3.03 -4.72
CA ALA B 211 2.49 2.25 -4.99
C ALA B 211 2.16 1.28 -3.85
N ARG B 212 2.97 1.21 -2.78
CA ARG B 212 2.81 0.31 -1.63
C ARG B 212 2.78 -1.15 -2.09
N ALA B 213 3.64 -1.47 -3.08
CA ALA B 213 3.71 -2.77 -3.70
C ALA B 213 4.74 -3.66 -3.00
N LEU B 214 5.68 -3.10 -2.21
CA LEU B 214 6.90 -3.81 -1.86
C LEU B 214 6.84 -4.29 -0.41
N SER B 215 7.43 -5.45 -0.13
CA SER B 215 7.82 -5.80 1.22
C SER B 215 8.74 -4.75 1.83
N THR B 216 8.53 -4.48 3.12
CA THR B 216 9.40 -3.61 3.91
C THR B 216 10.10 -4.39 5.05
N ARG B 217 10.40 -5.67 4.84
CA ARG B 217 11.09 -6.48 5.83
C ARG B 217 12.63 -6.33 5.73
N ASN B 218 13.12 -5.12 6.03
CA ASN B 218 14.52 -4.73 5.85
C ASN B 218 15.45 -5.49 6.81
N ASP B 219 14.92 -5.90 7.95
CA ASP B 219 15.71 -6.60 8.94
C ASP B 219 15.93 -8.06 8.52
N GLU B 220 15.11 -8.65 7.61
CA GLU B 220 15.35 -10.03 7.17
C GLU B 220 15.08 -10.19 5.68
N PRO B 221 15.93 -9.63 4.80
CA PRO B 221 15.64 -9.64 3.38
C PRO B 221 15.37 -11.03 2.82
N THR B 222 16.03 -12.09 3.32
CA THR B 222 15.87 -13.43 2.79
C THR B 222 14.51 -14.00 3.15
N ARG B 223 13.85 -13.43 4.16
CA ARG B 223 12.55 -13.86 4.61
C ARG B 223 11.40 -13.01 4.03
N ALA B 224 11.71 -11.98 3.25
CA ALA B 224 10.72 -11.00 2.82
C ALA B 224 9.71 -11.64 1.86
N SER B 225 10.23 -12.30 0.84
CA SER B 225 9.39 -12.95 -0.17
C SER B 225 8.88 -14.28 0.39
N ARG B 226 7.58 -14.35 0.71
CA ARG B 226 7.00 -15.48 1.39
C ARG B 226 5.60 -15.76 0.82
N PRO B 227 5.50 -16.24 -0.45
CA PRO B 227 4.21 -16.43 -1.13
C PRO B 227 3.25 -17.32 -0.36
N TRP B 228 1.99 -16.88 -0.23
CA TRP B 228 0.92 -17.58 0.50
C TRP B 228 1.16 -17.68 2.02
N ASP B 229 2.26 -17.16 2.57
CA ASP B 229 2.43 -17.09 4.00
C ASP B 229 1.58 -15.95 4.57
N ARG B 230 1.01 -16.16 5.77
CA ARG B 230 0.14 -15.17 6.37
C ARG B 230 0.87 -13.87 6.73
N ASP B 231 2.22 -13.82 6.83
CA ASP B 231 2.92 -12.58 7.16
C ASP B 231 3.53 -11.93 5.92
N ARG B 232 3.15 -12.35 4.71
CA ARG B 232 3.61 -11.67 3.51
C ARG B 232 3.19 -10.18 3.53
N ASP B 233 3.98 -9.31 2.89
CA ASP B 233 3.72 -7.88 2.95
C ASP B 233 4.15 -7.21 1.64
N GLY B 234 3.96 -7.90 0.50
CA GLY B 234 4.28 -7.36 -0.80
C GLY B 234 5.52 -8.02 -1.40
N PHE B 235 5.83 -7.64 -2.65
CA PHE B 235 6.83 -8.37 -3.41
C PHE B 235 8.20 -7.74 -3.23
N VAL B 236 9.18 -8.48 -3.71
CA VAL B 236 10.56 -8.09 -3.62
C VAL B 236 11.02 -7.79 -5.04
N LEU B 237 11.61 -6.61 -5.22
CA LEU B 237 11.95 -6.15 -6.56
C LEU B 237 13.29 -6.76 -6.91
N SER B 238 13.39 -7.38 -8.09
CA SER B 238 14.61 -8.07 -8.50
C SER B 238 14.94 -7.75 -9.96
N ASP B 239 16.16 -8.09 -10.38
CA ASP B 239 16.70 -7.70 -11.67
C ASP B 239 17.15 -8.98 -12.35
N GLY B 240 17.19 -8.93 -13.67
CA GLY B 240 17.73 -10.05 -14.41
C GLY B 240 17.09 -10.19 -15.77
N SER B 241 17.30 -11.40 -16.30
CA SER B 241 16.91 -11.66 -17.66
C SER B 241 16.71 -13.15 -17.83
N GLY B 242 15.84 -13.51 -18.77
CA GLY B 242 15.79 -14.89 -19.25
C GLY B 242 15.52 -14.87 -20.75
N ALA B 243 16.07 -15.88 -21.45
CA ALA B 243 15.90 -16.06 -22.88
C ALA B 243 15.84 -17.56 -23.21
N LEU B 244 14.91 -17.88 -24.11
CA LEU B 244 14.78 -19.22 -24.65
C LEU B 244 15.01 -19.11 -26.16
N VAL B 245 15.67 -20.14 -26.70
CA VAL B 245 15.68 -20.36 -28.12
C VAL B 245 14.55 -21.35 -28.43
N LEU B 246 13.54 -20.82 -29.14
CA LEU B 246 12.38 -21.55 -29.59
C LEU B 246 12.65 -21.97 -31.01
N GLU B 247 12.20 -23.19 -31.38
CA GLU B 247 12.56 -23.80 -32.64
C GLU B 247 11.43 -24.72 -33.08
N GLU B 248 11.14 -24.69 -34.38
CA GLU B 248 10.23 -25.68 -34.95
C GLU B 248 10.83 -27.08 -34.77
N LEU B 249 9.99 -28.04 -34.38
CA LEU B 249 10.41 -29.40 -33.99
C LEU B 249 11.30 -30.08 -35.03
N GLU B 250 10.79 -30.23 -36.25
CA GLU B 250 11.53 -30.87 -37.32
C GLU B 250 12.83 -30.15 -37.62
N HIS B 251 12.85 -28.81 -37.54
CA HIS B 251 14.08 -28.02 -37.73
CA HIS B 251 14.09 -28.05 -37.75
C HIS B 251 15.09 -28.44 -36.67
N ALA B 252 14.63 -28.61 -35.42
CA ALA B 252 15.51 -28.98 -34.33
C ALA B 252 16.02 -30.42 -34.51
N ARG B 253 15.12 -31.34 -34.89
CA ARG B 253 15.45 -32.75 -35.11
C ARG B 253 16.48 -32.87 -36.23
N ALA B 254 16.24 -32.18 -37.34
CA ALA B 254 17.07 -32.18 -38.54
C ALA B 254 18.52 -31.79 -38.25
N ARG B 255 18.75 -30.84 -37.32
CA ARG B 255 20.13 -30.42 -37.02
C ARG B 255 20.65 -31.13 -35.77
N GLY B 256 19.89 -32.07 -35.20
CA GLY B 256 20.33 -32.84 -34.04
C GLY B 256 20.42 -31.98 -32.78
N ALA B 257 19.55 -30.97 -32.63
CA ALA B 257 19.54 -30.13 -31.42
C ALA B 257 19.16 -30.96 -30.19
N ARG B 258 19.72 -30.63 -29.03
CA ARG B 258 19.19 -31.10 -27.76
C ARG B 258 17.91 -30.31 -27.50
N ILE B 259 16.81 -31.04 -27.29
CA ILE B 259 15.52 -30.47 -27.04
C ILE B 259 15.20 -30.59 -25.56
N TYR B 260 15.04 -29.44 -24.87
CA TYR B 260 14.80 -29.45 -23.44
C TYR B 260 13.35 -29.79 -23.13
N ALA B 261 12.40 -29.37 -23.97
CA ALA B 261 10.99 -29.55 -23.71
C ALA B 261 10.21 -29.02 -24.92
N GLU B 262 8.89 -29.26 -24.91
CA GLU B 262 8.01 -28.72 -25.93
C GLU B 262 7.10 -27.67 -25.31
N LEU B 263 6.91 -26.55 -26.00
CA LEU B 263 5.95 -25.53 -25.64
C LEU B 263 4.64 -25.85 -26.37
N VAL B 264 3.66 -26.34 -25.60
CA VAL B 264 2.43 -26.90 -26.16
C VAL B 264 1.26 -25.93 -26.02
N GLY B 265 1.28 -25.00 -25.04
CA GLY B 265 0.13 -24.11 -24.91
C GLY B 265 0.51 -22.70 -24.46
N PHE B 266 -0.29 -21.75 -24.93
CA PHE B 266 -0.14 -20.36 -24.51
C PHE B 266 -1.53 -19.78 -24.42
N GLY B 267 -1.78 -19.13 -23.31
CA GLY B 267 -3.04 -18.47 -23.05
C GLY B 267 -2.79 -17.02 -22.62
N MET B 268 -3.75 -16.16 -22.99
CA MET B 268 -3.81 -14.77 -22.58
C MET B 268 -5.22 -14.47 -22.04
N SER B 269 -5.31 -13.50 -21.15
CA SER B 269 -6.58 -12.87 -20.83
C SER B 269 -6.31 -11.47 -20.28
N GLY B 270 -7.38 -10.75 -20.03
CA GLY B 270 -7.39 -9.50 -19.29
C GLY B 270 -8.43 -9.64 -18.18
N ASP B 271 -8.09 -9.17 -16.96
CA ASP B 271 -9.01 -9.10 -15.84
C ASP B 271 -10.15 -8.14 -16.14
N ALA B 272 -9.83 -6.97 -16.70
CA ALA B 272 -10.78 -5.88 -16.87
C ALA B 272 -11.41 -5.50 -15.52
N PHE B 273 -10.54 -5.26 -14.53
CA PHE B 273 -10.95 -5.06 -13.15
C PHE B 273 -10.23 -3.83 -12.57
N HIS B 274 -8.96 -3.94 -12.18
CA HIS B 274 -8.25 -2.87 -11.49
C HIS B 274 -6.85 -2.72 -12.10
N MET B 275 -6.27 -1.52 -11.95
CA MET B 275 -4.96 -1.18 -12.49
C MET B 275 -3.88 -2.04 -11.85
N THR B 276 -3.94 -2.25 -10.52
CA THR B 276 -2.90 -3.00 -9.80
C THR B 276 -3.39 -4.21 -9.00
N ALA B 277 -4.67 -4.27 -8.61
CA ALA B 277 -5.21 -5.33 -7.76
C ALA B 277 -5.94 -6.32 -8.68
N PRO B 278 -5.85 -7.64 -8.40
CA PRO B 278 -6.62 -8.61 -9.13
C PRO B 278 -8.04 -8.68 -8.63
N PRO B 279 -8.98 -9.28 -9.37
CA PRO B 279 -10.22 -9.75 -8.76
C PRO B 279 -9.88 -10.83 -7.71
N GLU B 280 -10.60 -10.82 -6.59
CA GLU B 280 -10.30 -11.66 -5.44
C GLU B 280 -10.38 -13.15 -5.83
N ASP B 281 -11.25 -13.53 -6.78
CA ASP B 281 -11.39 -14.93 -7.20
C ASP B 281 -10.37 -15.29 -8.31
N GLY B 282 -9.52 -14.35 -8.74
CA GLY B 282 -8.55 -14.64 -9.80
C GLY B 282 -9.21 -15.05 -11.11
N ALA B 283 -10.33 -14.40 -11.50
CA ALA B 283 -11.12 -14.91 -12.62
C ALA B 283 -10.34 -14.74 -13.93
N GLY B 284 -9.56 -13.66 -14.04
CA GLY B 284 -8.74 -13.48 -15.23
C GLY B 284 -7.64 -14.55 -15.35
N ALA B 285 -7.03 -14.86 -14.20
CA ALA B 285 -6.03 -15.92 -14.14
C ALA B 285 -6.62 -17.26 -14.57
N ALA B 286 -7.85 -17.55 -14.12
CA ALA B 286 -8.53 -18.79 -14.45
C ALA B 286 -8.85 -18.87 -15.94
N ARG B 287 -9.41 -17.80 -16.53
CA ARG B 287 -9.65 -17.74 -17.96
C ARG B 287 -8.36 -17.98 -18.74
N CYS B 288 -7.29 -17.32 -18.29
CA CYS B 288 -6.01 -17.44 -18.94
C CYS B 288 -5.46 -18.89 -18.90
N MET B 289 -5.50 -19.53 -17.75
CA MET B 289 -5.07 -20.92 -17.64
C MET B 289 -5.95 -21.86 -18.50
N LYS B 290 -7.25 -21.66 -18.47
CA LYS B 290 -8.14 -22.43 -19.36
C LYS B 290 -7.77 -22.28 -20.83
N ASN B 291 -7.50 -21.05 -21.25
CA ASN B 291 -7.12 -20.76 -22.63
C ASN B 291 -5.85 -21.49 -23.04
N ALA B 292 -4.90 -21.54 -22.12
CA ALA B 292 -3.64 -22.19 -22.32
C ALA B 292 -3.79 -23.71 -22.46
N LEU B 293 -4.56 -24.31 -21.55
CA LEU B 293 -4.76 -25.77 -21.58
C LEU B 293 -5.54 -26.19 -22.84
N ARG B 294 -6.54 -25.38 -23.19
CA ARG B 294 -7.35 -25.57 -24.40
C ARG B 294 -6.48 -25.35 -25.61
N ASP B 295 -5.58 -24.38 -25.54
CA ASP B 295 -4.62 -24.16 -26.62
C ASP B 295 -3.73 -25.39 -26.80
N ALA B 296 -3.34 -26.03 -25.67
CA ALA B 296 -2.45 -27.17 -25.73
C ALA B 296 -3.23 -28.44 -26.02
N GLY B 297 -4.56 -28.42 -25.86
CA GLY B 297 -5.36 -29.62 -26.01
C GLY B 297 -5.09 -30.57 -24.85
N LEU B 298 -4.85 -29.99 -23.66
CA LEU B 298 -4.64 -30.79 -22.46
C LEU B 298 -5.85 -30.67 -21.55
N ASP B 299 -6.22 -31.78 -20.95
CA ASP B 299 -7.13 -31.85 -19.81
C ASP B 299 -6.40 -31.26 -18.60
N PRO B 300 -7.06 -30.51 -17.70
CA PRO B 300 -6.43 -30.01 -16.48
C PRO B 300 -5.69 -31.08 -15.68
N ARG B 301 -6.20 -32.34 -15.69
CA ARG B 301 -5.58 -33.44 -14.97
C ARG B 301 -4.18 -33.80 -15.47
N GLN B 302 -3.83 -33.38 -16.68
CA GLN B 302 -2.48 -33.62 -17.18
C GLN B 302 -1.44 -32.70 -16.52
N VAL B 303 -1.82 -31.60 -15.86
CA VAL B 303 -0.85 -30.70 -15.23
C VAL B 303 -0.25 -31.31 -13.97
N ASP B 304 1.09 -31.41 -13.93
CA ASP B 304 1.77 -31.95 -12.74
C ASP B 304 2.42 -30.89 -11.87
N TYR B 305 2.96 -29.83 -12.48
CA TYR B 305 3.62 -28.75 -11.77
C TYR B 305 3.11 -27.42 -12.33
N ILE B 306 2.75 -26.49 -11.43
CA ILE B 306 2.53 -25.07 -11.74
C ILE B 306 3.63 -24.25 -11.10
N ASN B 307 4.39 -23.49 -11.92
CA ASN B 307 5.17 -22.36 -11.44
C ASN B 307 4.27 -21.14 -11.39
N ALA B 308 3.82 -20.83 -10.17
CA ALA B 308 2.90 -19.74 -9.89
C ALA B 308 3.55 -18.40 -10.15
N HIS B 309 2.67 -17.42 -10.40
CA HIS B 309 3.06 -16.05 -10.34
C HIS B 309 3.56 -15.73 -8.93
N GLY B 310 2.72 -15.99 -7.92
CA GLY B 310 3.14 -16.12 -6.52
C GLY B 310 4.12 -15.02 -6.07
N THR B 311 3.63 -13.77 -6.05
CA THR B 311 4.49 -12.60 -5.85
C THR B 311 4.73 -12.22 -4.39
N SER B 312 4.03 -12.84 -3.44
CA SER B 312 4.06 -12.51 -2.01
C SER B 312 3.23 -11.25 -1.74
N THR B 313 2.15 -11.02 -2.49
CA THR B 313 1.27 -9.90 -2.21
C THR B 313 0.06 -10.44 -1.46
N PRO B 314 -0.58 -9.64 -0.58
CA PRO B 314 -1.82 -10.04 0.11
C PRO B 314 -2.90 -10.59 -0.85
N ALA B 315 -3.38 -9.76 -1.80
CA ALA B 315 -4.48 -10.16 -2.67
C ALA B 315 -4.01 -11.10 -3.78
N GLY B 316 -2.83 -10.87 -4.32
CA GLY B 316 -2.39 -11.60 -5.52
C GLY B 316 -2.33 -13.09 -5.26
N ASP B 317 -1.72 -13.44 -4.13
CA ASP B 317 -1.44 -14.82 -3.85
C ASP B 317 -2.72 -15.60 -3.60
N ILE B 318 -3.68 -15.02 -2.87
CA ILE B 318 -4.96 -15.66 -2.61
C ILE B 318 -5.75 -15.82 -3.92
N ALA B 319 -5.75 -14.78 -4.78
CA ALA B 319 -6.43 -14.82 -6.07
C ALA B 319 -5.90 -15.95 -6.95
N GLU B 320 -4.58 -16.19 -6.90
CA GLU B 320 -3.99 -17.24 -7.68
C GLU B 320 -4.44 -18.62 -7.21
N ILE B 321 -4.59 -18.80 -5.89
CA ILE B 321 -5.11 -20.06 -5.34
C ILE B 321 -6.54 -20.24 -5.78
N ALA B 322 -7.35 -19.19 -5.66
CA ALA B 322 -8.73 -19.27 -6.12
C ALA B 322 -8.81 -19.72 -7.58
N ALA B 323 -8.00 -19.11 -8.46
CA ALA B 323 -7.99 -19.49 -9.87
C ALA B 323 -7.58 -20.95 -10.09
N VAL B 324 -6.54 -21.42 -9.40
CA VAL B 324 -6.08 -22.79 -9.55
C VAL B 324 -7.18 -23.74 -9.11
N LYS B 325 -7.91 -23.39 -8.05
CA LYS B 325 -8.98 -24.23 -7.52
C LYS B 325 -10.08 -24.34 -8.56
N SER B 326 -10.46 -23.19 -9.12
CA SER B 326 -11.53 -23.08 -10.09
C SER B 326 -11.22 -23.88 -11.36
N VAL B 327 -9.99 -23.78 -11.85
CA VAL B 327 -9.61 -24.43 -13.09
C VAL B 327 -9.39 -25.92 -12.86
N PHE B 328 -8.68 -26.30 -11.79
CA PHE B 328 -8.24 -27.68 -11.68
C PHE B 328 -9.18 -28.51 -10.81
N GLY B 329 -10.12 -27.88 -10.08
CA GLY B 329 -10.99 -28.61 -9.18
C GLY B 329 -10.22 -29.51 -8.22
N GLU B 330 -10.67 -30.76 -8.10
CA GLU B 330 -10.09 -31.76 -7.20
C GLU B 330 -8.65 -32.04 -7.61
N HIS B 331 -8.30 -31.94 -8.89
CA HIS B 331 -6.92 -32.16 -9.30
C HIS B 331 -6.00 -31.04 -8.77
N ALA B 332 -6.56 -29.91 -8.29
CA ALA B 332 -5.75 -28.88 -7.64
C ALA B 332 -5.03 -29.42 -6.41
N HIS B 333 -5.56 -30.45 -5.76
CA HIS B 333 -4.93 -31.18 -4.65
C HIS B 333 -3.98 -32.27 -5.11
N ALA B 334 -3.79 -32.49 -6.41
CA ALA B 334 -2.93 -33.58 -6.91
C ALA B 334 -1.59 -33.05 -7.45
N LEU B 335 -1.63 -31.87 -8.07
CA LEU B 335 -0.48 -31.27 -8.70
C LEU B 335 0.35 -30.62 -7.59
N SER B 336 1.58 -30.27 -7.95
CA SER B 336 2.39 -29.39 -7.11
C SER B 336 2.40 -27.99 -7.72
N MET B 337 2.33 -26.97 -6.88
CA MET B 337 2.45 -25.60 -7.31
C MET B 337 3.47 -24.89 -6.41
N SER B 338 4.46 -24.16 -6.95
CA SER B 338 5.39 -23.40 -6.14
C SER B 338 5.64 -22.01 -6.72
N SER B 339 6.10 -21.09 -5.86
CA SER B 339 6.61 -19.84 -6.35
C SER B 339 8.12 -19.75 -6.13
N THR B 340 8.86 -19.75 -7.24
CA THR B 340 10.28 -19.49 -7.20
C THR B 340 10.59 -18.02 -6.90
N LYS B 341 9.59 -17.12 -6.88
CA LYS B 341 9.83 -15.76 -6.41
C LYS B 341 10.19 -15.73 -4.93
N SER B 342 9.84 -16.80 -4.19
CA SER B 342 10.26 -16.96 -2.80
C SER B 342 11.78 -16.79 -2.66
N MET B 343 12.52 -17.22 -3.67
CA MET B 343 13.95 -17.23 -3.71
C MET B 343 14.52 -16.12 -4.56
N THR B 344 13.91 -15.87 -5.75
CA THR B 344 14.45 -14.93 -6.72
C THR B 344 13.92 -13.53 -6.50
N GLY B 345 12.82 -13.38 -5.76
CA GLY B 345 12.06 -12.13 -5.89
C GLY B 345 11.37 -12.00 -7.26
N HIS B 346 10.83 -10.81 -7.50
CA HIS B 346 10.01 -10.49 -8.66
C HIS B 346 10.86 -9.74 -9.68
N LEU B 347 11.19 -10.42 -10.79
CA LEU B 347 11.98 -9.85 -11.87
C LEU B 347 11.14 -9.11 -12.92
N LEU B 348 9.88 -8.77 -12.60
CA LEU B 348 9.05 -7.94 -13.44
C LEU B 348 9.02 -8.50 -14.86
N GLY B 349 9.43 -7.75 -15.87
CA GLY B 349 9.32 -8.22 -17.24
C GLY B 349 10.16 -9.46 -17.52
N ALA B 350 11.18 -9.73 -16.68
CA ALA B 350 11.92 -11.01 -16.81
C ALA B 350 11.35 -12.20 -16.02
N ALA B 351 10.38 -11.98 -15.12
CA ALA B 351 9.90 -13.03 -14.26
C ALA B 351 9.39 -14.23 -15.06
N GLY B 352 8.57 -13.99 -16.08
CA GLY B 352 8.04 -15.11 -16.84
C GLY B 352 9.06 -15.84 -17.70
N ALA B 353 10.12 -15.13 -18.09
CA ALA B 353 11.21 -15.78 -18.81
C ALA B 353 11.97 -16.75 -17.90
N VAL B 354 12.41 -16.28 -16.73
CA VAL B 354 13.22 -17.16 -15.87
C VAL B 354 12.34 -18.27 -15.32
N GLU B 355 11.08 -17.95 -15.01
CA GLU B 355 10.15 -18.98 -14.55
C GLU B 355 9.76 -19.94 -15.68
N ALA B 356 9.80 -19.53 -16.97
CA ALA B 356 9.67 -20.54 -18.04
C ALA B 356 10.85 -21.52 -17.97
N ILE B 357 12.07 -21.00 -17.77
CA ILE B 357 13.28 -21.82 -17.67
C ILE B 357 13.20 -22.80 -16.47
N PHE B 358 12.79 -22.31 -15.31
CA PHE B 358 12.60 -23.13 -14.13
C PHE B 358 11.57 -24.23 -14.36
N SER B 359 10.50 -23.90 -15.11
CA SER B 359 9.50 -24.86 -15.55
C SER B 359 10.10 -25.94 -16.47
N VAL B 360 10.92 -25.52 -17.44
CA VAL B 360 11.59 -26.46 -18.33
C VAL B 360 12.52 -27.38 -17.53
N LEU B 361 13.32 -26.82 -16.62
CA LEU B 361 14.24 -27.62 -15.81
C LEU B 361 13.51 -28.53 -14.80
N ALA B 362 12.31 -28.14 -14.33
CA ALA B 362 11.49 -29.01 -13.51
C ALA B 362 11.15 -30.28 -14.28
N LEU B 363 10.86 -30.10 -15.59
CA LEU B 363 10.56 -31.23 -16.44
C LEU B 363 11.81 -32.07 -16.66
N ARG B 364 12.95 -31.42 -16.98
CA ARG B 364 14.20 -32.12 -17.23
C ARG B 364 14.62 -32.95 -16.00
N ASP B 365 14.58 -32.35 -14.81
CA ASP B 365 15.14 -32.96 -13.61
C ASP B 365 14.07 -33.67 -12.77
N GLN B 366 12.77 -33.57 -13.13
CA GLN B 366 11.71 -34.28 -12.40
C GLN B 366 11.73 -33.85 -10.93
N VAL B 367 11.54 -32.54 -10.71
CA VAL B 367 11.65 -31.95 -9.39
C VAL B 367 10.87 -30.62 -9.37
N ALA B 368 10.00 -30.47 -8.39
CA ALA B 368 9.26 -29.27 -8.08
C ALA B 368 10.11 -28.37 -7.22
N PRO B 369 10.50 -27.16 -7.70
CA PRO B 369 11.22 -26.22 -6.86
C PRO B 369 10.40 -25.84 -5.65
N PRO B 370 11.04 -25.47 -4.51
CA PRO B 370 10.29 -25.07 -3.31
C PRO B 370 9.69 -23.67 -3.34
N THR B 371 8.62 -23.49 -2.55
CA THR B 371 8.28 -22.20 -2.02
C THR B 371 8.95 -22.04 -0.65
N ILE B 372 10.12 -21.39 -0.58
CA ILE B 372 10.74 -21.13 0.72
C ILE B 372 9.92 -20.07 1.47
N ASN B 373 10.13 -20.00 2.79
CA ASN B 373 9.50 -19.07 3.70
C ASN B 373 8.02 -19.30 3.96
N LEU B 374 7.47 -20.43 3.50
CA LEU B 374 6.04 -20.68 3.62
C LEU B 374 5.78 -21.42 4.95
N ASP B 375 5.74 -20.62 6.03
CA ASP B 375 5.75 -21.14 7.39
C ASP B 375 4.32 -21.37 7.89
N ASN B 376 3.41 -20.41 7.66
CA ASN B 376 2.01 -20.51 8.00
C ASN B 376 1.19 -20.09 6.79
N PRO B 377 0.78 -21.07 5.94
CA PRO B 377 -0.08 -20.79 4.80
C PRO B 377 -1.35 -20.07 5.24
N ASP B 378 -1.72 -19.03 4.52
CA ASP B 378 -2.92 -18.27 4.81
C ASP B 378 -4.14 -19.15 4.51
N GLU B 379 -5.32 -18.67 4.94
CA GLU B 379 -6.56 -19.45 4.91
C GLU B 379 -6.95 -19.68 3.44
N GLY B 380 -7.18 -20.94 3.10
CA GLY B 380 -7.47 -21.35 1.73
C GLY B 380 -6.24 -21.87 0.97
N CYS B 381 -5.01 -21.64 1.48
CA CYS B 381 -3.78 -22.04 0.81
C CYS B 381 -3.39 -23.47 1.17
N ASP B 382 -4.27 -24.43 0.85
CA ASP B 382 -4.14 -25.79 1.35
C ASP B 382 -3.78 -26.75 0.22
N LEU B 383 -3.05 -26.25 -0.80
CA LEU B 383 -2.53 -27.12 -1.84
C LEU B 383 -1.14 -27.56 -1.47
N ASP B 384 -0.60 -28.44 -2.28
CA ASP B 384 0.81 -28.76 -2.22
C ASP B 384 1.56 -27.57 -2.82
N LEU B 385 2.03 -26.66 -1.94
CA LEU B 385 2.80 -25.49 -2.32
C LEU B 385 4.30 -25.73 -2.23
N VAL B 386 4.71 -27.02 -2.12
CA VAL B 386 6.11 -27.40 -2.04
C VAL B 386 6.81 -26.51 -1.01
N ALA B 387 6.19 -26.31 0.16
CA ALA B 387 6.82 -25.51 1.23
C ALA B 387 8.25 -25.95 1.53
N HIS B 388 9.20 -24.99 1.54
CA HIS B 388 10.50 -25.11 2.19
C HIS B 388 11.57 -25.82 1.36
N GLU B 389 11.26 -26.99 0.77
CA GLU B 389 12.31 -27.81 0.17
C GLU B 389 11.83 -28.42 -1.13
N ALA B 390 12.76 -28.53 -2.11
CA ALA B 390 12.47 -29.10 -3.42
C ALA B 390 11.92 -30.51 -3.25
N LYS B 391 11.03 -30.89 -4.14
CA LYS B 391 10.33 -32.16 -4.05
C LYS B 391 10.51 -32.90 -5.38
N PRO B 392 11.33 -33.99 -5.44
CA PRO B 392 11.37 -34.88 -6.59
C PRO B 392 9.97 -35.38 -6.89
N ARG B 393 9.51 -35.29 -8.15
CA ARG B 393 8.28 -35.99 -8.53
C ARG B 393 8.18 -36.13 -10.04
N LYS B 394 7.21 -36.96 -10.47
CA LYS B 394 6.77 -37.12 -11.84
C LYS B 394 6.19 -35.81 -12.34
N ILE B 395 6.79 -35.28 -13.41
CA ILE B 395 6.25 -34.09 -14.08
C ILE B 395 6.32 -34.33 -15.58
N ASP B 396 5.16 -34.50 -16.21
CA ASP B 396 5.07 -34.59 -17.66
C ASP B 396 4.68 -33.21 -18.25
N VAL B 397 3.85 -32.45 -17.53
CA VAL B 397 3.36 -31.16 -17.99
C VAL B 397 3.60 -30.13 -16.89
N ALA B 398 4.23 -29.00 -17.25
CA ALA B 398 4.38 -27.88 -16.33
C ALA B 398 3.75 -26.62 -16.92
N LEU B 399 3.07 -25.86 -16.05
CA LEU B 399 2.37 -24.62 -16.40
C LEU B 399 3.04 -23.48 -15.65
N SER B 400 3.23 -22.32 -16.32
CA SER B 400 3.82 -21.15 -15.72
C SER B 400 2.89 -19.96 -15.97
N ASN B 401 2.55 -19.24 -14.91
CA ASN B 401 1.66 -18.11 -14.91
C ASN B 401 2.40 -16.79 -14.67
N SER B 402 1.91 -15.75 -15.35
CA SER B 402 2.35 -14.39 -15.06
C SER B 402 1.15 -13.47 -15.19
N PHE B 403 1.07 -12.52 -14.26
CA PHE B 403 0.01 -11.55 -14.11
C PHE B 403 0.69 -10.21 -13.91
N GLY B 404 0.14 -9.16 -14.54
CA GLY B 404 0.78 -7.86 -14.50
C GLY B 404 -0.22 -6.72 -14.33
N PHE B 405 0.32 -5.55 -13.97
CA PHE B 405 -0.46 -4.34 -13.82
C PHE B 405 -1.22 -4.12 -15.14
N GLY B 406 -2.47 -3.66 -15.01
CA GLY B 406 -3.37 -3.57 -16.14
C GLY B 406 -4.31 -4.77 -16.17
N GLY B 407 -4.02 -5.79 -15.33
CA GLY B 407 -4.77 -7.04 -15.33
C GLY B 407 -4.50 -7.88 -16.56
N THR B 408 -3.29 -7.75 -17.10
CA THR B 408 -2.90 -8.51 -18.28
C THR B 408 -2.29 -9.85 -17.79
N ASN B 409 -2.73 -10.96 -18.40
CA ASN B 409 -2.39 -12.29 -17.89
C ASN B 409 -1.89 -13.19 -19.00
N GLY B 410 -0.97 -14.09 -18.60
CA GLY B 410 -0.32 -14.99 -19.51
C GLY B 410 -0.02 -16.32 -18.83
N THR B 411 -0.21 -17.40 -19.58
CA THR B 411 0.14 -18.72 -19.13
C THR B 411 0.85 -19.48 -20.24
N LEU B 412 1.91 -20.20 -19.88
CA LEU B 412 2.59 -21.10 -20.81
C LEU B 412 2.48 -22.52 -20.29
N VAL B 413 2.34 -23.48 -21.22
CA VAL B 413 2.26 -24.90 -20.88
C VAL B 413 3.39 -25.57 -21.63
N PHE B 414 4.19 -26.32 -20.86
CA PHE B 414 5.34 -27.04 -21.36
C PHE B 414 5.11 -28.53 -21.13
N ARG B 415 5.63 -29.38 -22.06
CA ARG B 415 5.50 -30.82 -21.95
C ARG B 415 6.88 -31.45 -22.08
N ARG B 416 7.09 -32.53 -21.33
CA ARG B 416 8.34 -33.28 -21.40
C ARG B 416 8.47 -33.73 -22.86
N PHE B 417 9.67 -33.56 -23.44
CA PHE B 417 9.95 -34.06 -24.78
C PHE B 417 10.69 -35.40 -24.69
N ALA B 418 10.15 -36.44 -25.35
CA ALA B 418 10.73 -37.78 -25.33
C ALA B 418 11.95 -37.84 -26.25
C1 UGL C . -16.12 17.71 30.67
C2 UGL C . -16.43 16.67 29.61
C3 UGL C . -15.18 16.36 28.72
C4 UGL C . -15.27 15.10 27.84
C5 UGL C . -13.93 14.43 27.47
C6 UGL C . -18.61 16.41 28.45
O1 UGL C . -13.05 14.26 28.35
O2 UGL C . -13.75 14.09 26.29
N1 UGL C . -17.55 17.15 28.79
O3 UGL C . -18.62 15.18 28.58
C7 UGL C . -19.78 17.14 27.87
C8 UGL C . -21.01 16.61 27.47
C9 UGL C . -21.73 17.66 27.00
N2 UGL C . -20.96 18.76 27.13
N3 UGL C . -19.76 18.47 27.69
C FMT D . -19.82 -10.72 17.59
O1 FMT D . -20.81 -11.26 18.04
O2 FMT D . -19.73 -10.26 16.31
C FMT E . -23.77 34.71 8.82
O1 FMT E . -23.07 34.79 9.81
O2 FMT E . -23.36 34.19 7.62
C FMT F . -37.76 18.66 10.45
O1 FMT F . -38.03 19.22 11.51
O2 FMT F . -37.34 19.30 9.30
C FMT G . -22.98 26.02 32.31
O1 FMT G . -22.26 25.88 31.32
O2 FMT G . -23.95 26.98 32.40
C FMT H . -14.70 29.45 8.33
O1 FMT H . -15.56 28.65 8.65
O2 FMT H . -14.67 30.67 8.90
C FMT I . -37.86 13.62 24.83
O1 FMT I . -38.21 14.13 25.87
O2 FMT I . -38.00 14.19 23.62
C FMT J . -22.03 -6.77 26.72
O1 FMT J . -21.69 -7.93 26.57
O2 FMT J . -22.55 -6.28 27.87
S DMS K . -7.19 -8.21 28.89
O DMS K . -7.95 -6.85 28.53
C1 DMS K . -7.74 -8.75 30.50
C2 DMS K . -5.48 -7.90 29.27
C1 EDO L . -10.85 13.37 39.39
O1 EDO L . -12.16 12.91 39.11
C2 EDO L . -10.81 14.84 39.58
O2 EDO L . -11.60 15.61 38.67
CL CL M . -14.16 -8.42 23.30
CL CL N . 15.75 7.20 26.11
C1 UGL O . -2.86 -7.17 -11.04
C2 UGL O . -1.91 -8.16 -10.39
C3 UGL O . -0.48 -8.12 -11.04
C4 UGL O . 0.72 -8.61 -10.15
C5 UGL O . 2.10 -8.14 -10.63
C6 UGL O . -2.43 -10.47 -9.61
O1 UGL O . 3.07 -8.93 -10.76
O2 UGL O . 2.21 -6.97 -10.93
N1 UGL O . -2.50 -9.49 -10.52
O3 UGL O . -1.75 -10.40 -8.61
C7 UGL O . -3.19 -11.70 -9.86
C8 UGL O . -3.12 -12.89 -9.14
C9 UGL O . -4.03 -13.72 -9.71
N2 UGL O . -4.60 -13.06 -10.73
N3 UGL O . -4.08 -11.81 -10.85
C FMT P . -10.13 -33.62 -11.37
O1 FMT P . -9.51 -34.61 -11.06
O2 FMT P . -11.17 -33.14 -10.67
C FMT Q . -14.00 -9.76 -7.53
O1 FMT Q . -14.17 -10.95 -7.57
O2 FMT Q . -13.20 -9.13 -6.62
C FMT R . -10.60 -26.82 -0.13
O1 FMT R . -11.30 -25.95 -0.60
O2 FMT R . -9.62 -27.40 -0.82
S DMS S . 9.41 4.58 -0.30
O DMS S . 10.98 4.59 -0.32
C1 DMS S . 8.80 5.76 -1.49
C2 DMS S . 8.95 5.43 1.18
S DMS T . 2.45 -22.87 -29.99
O DMS T . 1.42 -21.93 -30.58
C1 DMS T . 2.08 -24.45 -30.72
C2 DMS T . 1.79 -23.25 -28.40
S DMS U . 6.94 -6.69 8.19
O DMS U . 7.56 -5.95 7.02
C1 DMS U . 5.23 -6.23 8.27
C2 DMS U . 7.50 -5.83 9.63
S DMS V . -11.78 -27.16 -4.32
O DMS V . -11.11 -26.92 -3.01
C1 DMS V . -10.47 -27.48 -5.45
C2 DMS V . -12.43 -28.81 -4.23
CL CL W . 23.21 6.44 -21.92
CL CL X . 17.94 -12.26 6.10
#